data_8EMV
#
_entry.id   8EMV
#
_cell.length_a   1.00
_cell.length_b   1.00
_cell.length_c   1.00
_cell.angle_alpha   90.00
_cell.angle_beta   90.00
_cell.angle_gamma   90.00
#
_symmetry.space_group_name_H-M   'P 1'
#
loop_
_entity.id
_entity.type
_entity.pdbx_description
1 polymer '1-phosphatidylinositol 4,5-bisphosphate phosphodiesterase beta-3'
2 non-polymer 'CALCIUM ION'
#
_entity_poly.entity_id   1
_entity_poly.type   'polypeptide(L)'
_entity_poly.pdbx_seq_one_letter_code
;GPSRATMALQLEPPTVVETLRRGSKFIKWDEETSSRNLVTLRVDPNGFFLYWTGPNMEVDTLDISSIRDTRTGRYARLPK
DPKIREVLGFGGPDARLEEKLMTVVSGPDPVNTVFLNFMAVQDDTAKVWSEELFKLAMNILAQNASRNTFLRKAYTKLKL
QVNQDGRIPVKNILKMFSADKKRVETALESCGLKFNRSESIRPDEFSLEIFERFLNKLCLRPDIDKILLEIGAKGKPYLT
LEQLMDFINQKQRDPRLNEVLYPPLRPSQARLLIEKYEPNQQFLERDQMSMEGFSRYLGGEENGILPLEALDLSTDMTQP
LSAYFINSSHNTYLTAGQLAGTSSVEMYRQALLWGCRCVELDVWKGRPPEEEPFITHGFTMTTEVPLRDVLEAIAETAFK
TSPYPVILSFENHVDSAKQQAKMAEYCRSIFGDALLIEPLDKYPLAPGVPLPSPQDLMGRILVKNKKRHRPSAGGPDSAG
RKRPLEQSNSALSESSAATEPSSPQLGSPSSDSCPGLSNGEEVGLEKPSLEPQKSLGDEGLNRGPYVLGPADREDEEEDE
EEEEQTDPKKPTTDEGTASSEVNATEEMSTLVNYIEPVKFKSFEAARKRNKCFEMSSFVETKAMEQLTKSPMEFVEYNKQ
QLSRIYPKGTRVDSSNYMPQLFWNVGCQLVALNFQTLDVAMQLNAGVFEYNGRSGYLLKPEFMRRPDKSFDPFTEVIVDG
IVANALRVKVISGQFLSDRKVGIYVEVDMFGLPVDTRRKYRTRTSQGNSFNPVWDEEPFDFPKVVLPTLASLRIAAFEEG
GKFVGHRILPVSAIRSGYHYVCLRNEANQPLCLPALLIYTEASDYIPDDHQDYAEALINPIKHVSLMDQRARQLAALIGE
SEAQAGQETCQDTQSQQLGSQPSSNPTPSPLDASPRRPPGPTTSPASTSLSSPGQRDDLIASILSEVAPTPLDELRGHKA
LVKLRSRQERDLRELRKKHQRKAVTLTRRLLDGLAQAQAEGRCRLRPGALGGAADVEDTKEGEDEAKRYQEFQNRQVQSL
LELREAQVDAEAQRRLEHLRQALQRLREVVLDANTTQFKRLKEMNEREKKELQKILDRKRHNSISEAKMRDKHKKEAELT
EINRRHITESVNSIRRLEEAQKQRHDRLVAGQQQVLQQLAEEEPKLLAQLAQECQEQRARLPQEIRRSLLGEMPEGLGDG
PLVACASNGHAPGSSGHLSGADSESQEENTQL
;
_entity_poly.pdbx_strand_id   A
#
# COMPACT_ATOMS: atom_id res chain seq x y z
N GLN A 10 -6.78 7.63 17.85
CA GLN A 10 -5.75 8.60 18.20
C GLN A 10 -4.90 8.98 17.00
N LEU A 11 -5.25 8.45 15.84
CA LEU A 11 -4.58 8.86 14.60
C LEU A 11 -4.98 10.28 14.25
N GLU A 12 -3.98 11.15 14.14
CA GLU A 12 -4.23 12.56 13.94
C GLU A 12 -4.57 12.84 12.49
N PRO A 13 -5.28 13.94 12.22
CA PRO A 13 -5.40 14.43 10.85
C PRO A 13 -4.10 15.10 10.41
N PRO A 14 -3.89 15.27 9.10
CA PRO A 14 -2.72 16.02 8.64
C PRO A 14 -2.82 17.48 9.05
N THR A 15 -1.86 17.92 9.83
CA THR A 15 -1.78 19.29 10.33
C THR A 15 -0.52 19.94 9.81
N VAL A 16 -0.69 21.02 9.05
CA VAL A 16 0.44 21.77 8.53
C VAL A 16 0.86 22.78 9.58
N VAL A 17 2.13 22.72 10.00
CA VAL A 17 2.65 23.59 11.05
C VAL A 17 2.81 25.01 10.51
N GLU A 18 3.09 25.95 11.42
CA GLU A 18 3.02 27.37 11.06
C GLU A 18 4.17 27.78 10.14
N THR A 19 5.35 27.19 10.30
CA THR A 19 6.49 27.60 9.50
C THR A 19 6.45 27.06 8.07
N LEU A 20 5.54 26.15 7.77
CA LEU A 20 5.39 25.67 6.40
C LEU A 20 4.29 26.36 5.62
N ARG A 21 3.31 26.94 6.32
CA ARG A 21 2.25 27.66 5.63
C ARG A 21 2.77 28.93 4.99
N ARG A 22 3.72 29.60 5.65
CA ARG A 22 4.28 30.82 5.09
C ARG A 22 5.46 30.54 4.16
N GLY A 23 6.28 29.56 4.49
CA GLY A 23 7.34 29.14 3.59
C GLY A 23 8.67 29.81 3.82
N SER A 24 9.74 29.08 3.57
CA SER A 24 11.09 29.63 3.60
C SER A 24 11.66 29.61 2.19
N LYS A 25 12.94 29.94 2.07
CA LYS A 25 13.61 29.99 0.78
C LYS A 25 14.58 28.82 0.64
N PHE A 26 14.75 28.36 -0.59
CA PHE A 26 15.63 27.25 -0.90
C PHE A 26 16.29 27.54 -2.24
N ILE A 27 17.34 26.79 -2.54
CA ILE A 27 18.12 26.97 -3.77
C ILE A 27 18.07 25.64 -4.52
N LYS A 28 17.14 25.52 -5.46
CA LYS A 28 16.92 24.25 -6.15
C LYS A 28 17.98 24.07 -7.23
N TRP A 29 18.76 23.00 -7.12
CA TRP A 29 19.85 22.73 -8.06
C TRP A 29 19.62 21.40 -8.75
N ASP A 30 19.73 21.41 -10.07
CA ASP A 30 19.66 20.19 -10.87
C ASP A 30 21.07 19.73 -11.19
N GLU A 31 21.30 18.43 -11.06
CA GLU A 31 22.60 17.89 -11.43
C GLU A 31 22.77 17.82 -12.94
N GLU A 32 21.67 17.59 -13.67
CA GLU A 32 21.75 17.43 -15.11
C GLU A 32 21.98 18.78 -15.80
N THR A 33 21.08 19.74 -15.59
CA THR A 33 21.22 21.04 -16.22
C THR A 33 22.33 21.88 -15.62
N SER A 34 22.81 21.51 -14.42
CA SER A 34 23.94 22.14 -13.73
C SER A 34 23.68 23.62 -13.46
N SER A 35 22.54 23.91 -12.85
CA SER A 35 22.06 25.28 -12.76
C SER A 35 21.73 25.72 -11.34
N ARG A 36 21.37 26.98 -11.17
CA ARG A 36 21.03 27.56 -9.88
C ARG A 36 19.79 28.41 -10.04
N ASN A 37 18.78 28.15 -9.20
CA ASN A 37 17.62 29.01 -9.11
C ASN A 37 17.33 29.27 -7.64
N LEU A 38 16.49 30.26 -7.36
CA LEU A 38 16.13 30.60 -5.99
C LEU A 38 14.61 30.60 -5.87
N VAL A 39 14.08 29.60 -5.19
CA VAL A 39 12.63 29.38 -5.11
C VAL A 39 12.20 29.42 -3.65
N THR A 40 10.88 29.48 -3.46
CA THR A 40 10.26 29.56 -2.14
C THR A 40 9.27 28.41 -2.01
N LEU A 41 9.49 27.56 -1.01
CA LEU A 41 8.71 26.35 -0.86
C LEU A 41 7.57 26.56 0.12
N ARG A 42 6.35 26.33 -0.35
CA ARG A 42 5.16 26.47 0.48
C ARG A 42 4.40 25.16 0.48
N VAL A 43 3.65 24.92 1.55
CA VAL A 43 2.67 23.85 1.61
C VAL A 43 1.31 24.50 1.78
N ASP A 44 0.34 24.07 0.98
CA ASP A 44 -1.00 24.64 1.05
C ASP A 44 -1.65 24.27 2.39
N PRO A 45 -2.59 25.10 2.89
CA PRO A 45 -3.03 24.93 4.29
C PRO A 45 -3.79 23.65 4.59
N ASN A 46 -4.23 22.90 3.59
CA ASN A 46 -4.86 21.62 3.85
C ASN A 46 -3.86 20.47 3.90
N GLY A 47 -2.68 20.63 3.29
CA GLY A 47 -1.68 19.58 3.30
C GLY A 47 -1.74 18.71 2.07
N PHE A 48 -1.95 19.31 0.91
CA PHE A 48 -2.17 18.58 -0.33
C PHE A 48 -0.98 18.62 -1.28
N PHE A 49 -0.33 19.77 -1.43
CA PHE A 49 0.73 19.91 -2.40
C PHE A 49 1.94 20.59 -1.78
N LEU A 50 3.06 20.49 -2.49
CA LEU A 50 4.30 21.20 -2.17
C LEU A 50 4.63 22.00 -3.41
N TYR A 51 4.25 23.27 -3.40
CA TYR A 51 4.37 24.09 -4.60
C TYR A 51 5.42 25.17 -4.41
N TRP A 52 6.03 25.57 -5.52
CA TRP A 52 7.06 26.61 -5.49
C TRP A 52 7.02 27.36 -6.81
N THR A 53 7.25 28.66 -6.75
CA THR A 53 7.29 29.50 -7.94
C THR A 53 8.68 29.45 -8.53
N GLY A 54 8.82 28.78 -9.68
CA GLY A 54 10.13 28.53 -10.23
C GLY A 54 10.72 29.69 -11.01
N PRO A 55 11.69 29.39 -11.86
CA PRO A 55 12.34 30.45 -12.66
C PRO A 55 11.51 30.91 -13.85
N ASN A 56 10.71 30.00 -14.41
CA ASN A 56 9.90 30.28 -15.59
C ASN A 56 8.57 30.93 -15.25
N MET A 57 8.44 31.49 -14.05
CA MET A 57 7.28 32.22 -13.53
C MET A 57 6.02 31.36 -13.45
N GLU A 58 6.17 30.05 -13.57
CA GLU A 58 5.07 29.11 -13.46
C GLU A 58 5.23 28.31 -12.18
N VAL A 59 4.11 28.04 -11.53
CA VAL A 59 4.10 27.37 -10.23
C VAL A 59 4.21 25.87 -10.49
N ASP A 60 5.37 25.30 -10.15
CA ASP A 60 5.51 23.85 -10.12
C ASP A 60 4.79 23.30 -8.92
N THR A 61 4.21 22.11 -9.07
CA THR A 61 3.54 21.45 -7.96
C THR A 61 4.03 20.01 -7.86
N LEU A 62 4.09 19.52 -6.63
CA LEU A 62 4.42 18.14 -6.33
C LEU A 62 3.32 17.63 -5.40
N ASP A 63 2.60 16.60 -5.84
CA ASP A 63 1.58 15.97 -5.02
C ASP A 63 2.23 15.33 -3.81
N ILE A 64 1.78 15.73 -2.61
CA ILE A 64 2.51 15.35 -1.40
C ILE A 64 2.18 13.92 -1.00
N SER A 65 1.12 13.34 -1.57
CA SER A 65 0.80 11.95 -1.27
C SER A 65 1.68 10.98 -2.01
N SER A 66 2.39 11.45 -3.04
CA SER A 66 3.25 10.61 -3.86
C SER A 66 4.72 10.78 -3.50
N ILE A 67 5.01 11.14 -2.25
CA ILE A 67 6.38 11.27 -1.76
C ILE A 67 6.77 9.97 -1.11
N ARG A 68 7.87 9.37 -1.56
CA ARG A 68 8.34 8.13 -0.97
C ARG A 68 9.27 8.38 0.21
N ASP A 69 10.19 9.32 0.08
CA ASP A 69 11.13 9.59 1.16
C ASP A 69 11.64 11.01 1.01
N THR A 70 11.84 11.67 2.15
CA THR A 70 12.61 12.90 2.23
C THR A 70 13.78 12.63 3.16
N ARG A 71 14.99 12.87 2.68
CA ARG A 71 16.18 12.57 3.45
C ARG A 71 17.10 13.78 3.45
N THR A 72 17.66 14.10 4.61
CA THR A 72 18.50 15.26 4.80
C THR A 72 19.70 14.91 5.66
N GLY A 73 20.65 15.83 5.74
CA GLY A 73 21.85 15.59 6.50
C GLY A 73 22.86 14.78 5.71
N ARG A 74 23.51 13.81 6.35
CA ARG A 74 24.51 13.01 5.65
C ARG A 74 23.88 12.03 4.66
N TYR A 75 22.58 11.75 4.80
CA TYR A 75 21.92 10.83 3.89
C TYR A 75 21.53 11.49 2.58
N ALA A 76 21.60 12.81 2.50
CA ALA A 76 21.16 13.54 1.32
C ALA A 76 22.14 13.35 0.17
N ARG A 77 21.76 13.84 -1.00
CA ARG A 77 22.55 13.67 -2.19
C ARG A 77 23.62 14.76 -2.25
N LEU A 78 24.86 14.34 -2.49
CA LEU A 78 25.87 15.39 -2.59
C LEU A 78 26.17 15.68 -4.05
N PRO A 79 26.44 16.94 -4.39
CA PRO A 79 26.72 17.27 -5.80
C PRO A 79 28.11 16.80 -6.21
N LYS A 80 28.20 16.27 -7.43
CA LYS A 80 29.45 15.76 -7.99
C LYS A 80 29.96 16.59 -9.16
N ASP A 81 29.29 17.70 -9.47
CA ASP A 81 29.79 18.65 -10.45
C ASP A 81 30.65 19.68 -9.75
N PRO A 82 31.91 19.88 -10.16
CA PRO A 82 32.75 20.87 -9.48
C PRO A 82 32.28 22.31 -9.65
N LYS A 83 31.64 22.63 -10.77
CA LYS A 83 31.18 23.99 -10.96
C LYS A 83 29.98 24.31 -10.09
N ILE A 84 29.13 23.31 -9.81
CA ILE A 84 27.98 23.60 -8.95
C ILE A 84 28.39 23.64 -7.49
N ARG A 85 29.53 23.02 -7.14
CA ARG A 85 30.08 23.21 -5.81
C ARG A 85 30.78 24.55 -5.71
N GLU A 86 31.30 25.05 -6.83
CA GLU A 86 31.80 26.41 -6.87
C GLU A 86 30.68 27.43 -6.72
N VAL A 87 29.50 27.12 -7.27
CA VAL A 87 28.33 27.98 -7.10
C VAL A 87 27.85 27.96 -5.66
N LEU A 88 27.63 26.77 -5.11
CA LEU A 88 27.13 26.68 -3.75
C LEU A 88 28.20 26.96 -2.69
N GLY A 89 29.46 27.09 -3.08
CA GLY A 89 30.50 27.44 -2.14
C GLY A 89 30.87 26.33 -1.17
N PHE A 90 31.53 25.30 -1.67
CA PHE A 90 31.94 24.17 -0.83
C PHE A 90 33.45 24.11 -0.70
N ALA A 95 31.61 22.39 8.83
CA ALA A 95 30.84 21.59 7.90
C ALA A 95 29.35 21.88 8.05
N ARG A 96 29.03 23.13 8.37
CA ARG A 96 27.65 23.55 8.52
C ARG A 96 26.93 23.60 7.16
N LEU A 97 27.68 23.62 6.06
CA LEU A 97 27.09 23.57 4.74
C LEU A 97 26.56 22.18 4.38
N GLU A 98 26.80 21.18 5.21
CA GLU A 98 26.28 19.84 4.96
C GLU A 98 24.81 19.75 5.33
N GLU A 99 24.44 20.23 6.52
CA GLU A 99 23.10 20.04 7.04
C GLU A 99 22.07 20.97 6.41
N LYS A 100 22.47 21.83 5.48
CA LYS A 100 21.54 22.68 4.75
C LYS A 100 21.10 22.06 3.43
N LEU A 101 21.07 20.73 3.34
CA LEU A 101 20.66 20.01 2.15
C LEU A 101 19.44 19.18 2.45
N MET A 102 18.57 19.03 1.44
CA MET A 102 17.39 18.18 1.55
C MET A 102 17.01 17.70 0.16
N THR A 103 16.81 16.40 0.02
CA THR A 103 16.32 15.81 -1.21
C THR A 103 14.99 15.12 -0.95
N VAL A 104 14.09 15.22 -1.92
CA VAL A 104 12.75 14.66 -1.83
C VAL A 104 12.62 13.62 -2.94
N VAL A 105 12.18 12.42 -2.59
CA VAL A 105 12.14 11.30 -3.52
C VAL A 105 10.69 10.94 -3.77
N SER A 106 10.21 11.21 -4.97
CA SER A 106 8.83 10.95 -5.33
C SER A 106 8.79 10.07 -6.57
N GLY A 107 7.67 9.37 -6.76
CA GLY A 107 7.51 8.51 -7.90
C GLY A 107 6.33 7.59 -7.78
N PRO A 108 5.93 6.97 -8.90
CA PRO A 108 4.73 6.10 -8.88
C PRO A 108 5.00 4.62 -8.64
N ASP A 109 6.25 4.21 -8.46
CA ASP A 109 6.61 2.84 -8.12
C ASP A 109 8.01 2.87 -7.50
N PRO A 110 8.45 1.78 -6.84
CA PRO A 110 9.80 1.78 -6.26
C PRO A 110 10.95 1.84 -7.25
N VAL A 111 10.71 1.76 -8.55
CA VAL A 111 11.78 1.79 -9.55
C VAL A 111 11.91 3.16 -10.20
N ASN A 112 10.82 3.71 -10.72
CA ASN A 112 10.87 4.92 -11.54
C ASN A 112 10.66 6.13 -10.64
N THR A 113 11.68 6.46 -9.85
CA THR A 113 11.61 7.57 -8.93
C THR A 113 12.38 8.77 -9.47
N VAL A 114 11.86 9.97 -9.20
CA VAL A 114 12.53 11.20 -9.56
C VAL A 114 13.10 11.81 -8.29
N PHE A 115 14.01 12.77 -8.45
CA PHE A 115 14.68 13.40 -7.31
C PHE A 115 14.51 14.91 -7.40
N LEU A 116 14.34 15.55 -6.25
CA LEU A 116 14.23 17.00 -6.16
C LEU A 116 15.19 17.50 -5.11
N ASN A 117 16.24 18.21 -5.54
CA ASN A 117 17.29 18.65 -4.65
C ASN A 117 17.05 20.11 -4.25
N PHE A 118 17.05 20.37 -2.95
CA PHE A 118 16.90 21.71 -2.42
C PHE A 118 18.00 21.96 -1.40
N MET A 119 18.67 23.10 -1.52
CA MET A 119 19.60 23.57 -0.51
C MET A 119 19.02 24.80 0.17
N ALA A 120 18.97 24.78 1.49
CA ALA A 120 18.43 25.90 2.25
C ALA A 120 19.39 27.08 2.20
N VAL A 121 18.85 28.27 2.46
CA VAL A 121 19.66 29.46 2.60
C VAL A 121 19.79 29.88 4.05
N GLN A 122 18.82 29.59 4.90
CA GLN A 122 18.86 29.94 6.30
C GLN A 122 19.73 28.95 7.06
N ASP A 123 19.66 28.99 8.38
CA ASP A 123 20.45 28.13 9.25
C ASP A 123 19.52 27.23 10.04
N ASP A 124 19.64 25.92 9.81
CA ASP A 124 18.86 24.86 10.47
C ASP A 124 17.35 25.04 10.25
N THR A 125 16.97 24.98 8.97
CA THR A 125 15.58 24.82 8.58
C THR A 125 15.32 23.50 7.86
N ALA A 126 16.36 22.86 7.32
CA ALA A 126 16.17 21.70 6.46
C ALA A 126 15.72 20.50 7.26
N LYS A 127 16.11 20.41 8.53
CA LYS A 127 15.69 19.29 9.35
C LYS A 127 14.21 19.35 9.65
N VAL A 128 13.71 20.55 10.00
CA VAL A 128 12.29 20.73 10.29
C VAL A 128 11.46 20.53 9.03
N TRP A 129 11.96 20.99 7.89
CA TRP A 129 11.24 20.81 6.63
C TRP A 129 11.16 19.35 6.23
N SER A 130 12.27 18.62 6.38
CA SER A 130 12.28 17.20 6.02
C SER A 130 11.39 16.38 6.93
N GLU A 131 11.41 16.67 8.23
CA GLU A 131 10.58 15.90 9.15
C GLU A 131 9.11 16.19 8.95
N GLU A 132 8.74 17.45 8.69
CA GLU A 132 7.34 17.77 8.46
C GLU A 132 6.84 17.21 7.14
N LEU A 133 7.68 17.18 6.11
CA LEU A 133 7.25 16.61 4.84
C LEU A 133 7.12 15.10 4.92
N PHE A 134 8.00 14.43 5.67
CA PHE A 134 7.85 12.99 5.81
C PHE A 134 6.64 12.66 6.67
N LYS A 135 6.28 13.52 7.62
CA LYS A 135 5.08 13.26 8.40
C LYS A 135 3.82 13.49 7.59
N LEU A 136 3.80 14.53 6.75
CA LEU A 136 2.64 14.79 5.93
C LEU A 136 2.50 13.79 4.79
N ALA A 137 3.58 13.13 4.38
CA ALA A 137 3.47 12.19 3.28
C ALA A 137 2.96 10.83 3.74
N MET A 138 3.53 10.29 4.81
CA MET A 138 3.21 8.96 5.28
C MET A 138 2.06 8.92 6.27
N ASN A 139 1.16 9.90 6.22
CA ASN A 139 0.00 9.91 7.09
C ASN A 139 -0.98 8.83 6.68
N ILE A 140 -1.74 8.34 7.66
CA ILE A 140 -2.68 7.25 7.43
C ILE A 140 -4.07 7.76 7.08
N LEU A 141 -4.56 8.76 7.82
CA LEU A 141 -5.87 9.33 7.50
C LEU A 141 -5.85 10.24 6.29
N ALA A 142 -4.67 10.68 5.85
CA ALA A 142 -4.60 11.46 4.63
C ALA A 142 -4.65 10.59 3.38
N GLN A 143 -4.25 9.33 3.49
CA GLN A 143 -4.32 8.41 2.36
C GLN A 143 -5.70 7.79 2.23
N ASN A 144 -6.29 7.36 3.35
CA ASN A 144 -7.62 6.79 3.36
C ASN A 144 -8.70 7.84 3.59
N ALA A 145 -8.68 8.90 2.81
CA ALA A 145 -9.64 9.98 2.99
C ALA A 145 -10.97 9.60 2.36
N SER A 146 -11.90 10.54 2.41
CA SER A 146 -13.21 10.40 1.80
C SER A 146 -13.25 11.07 0.44
N ARG A 147 -14.41 11.00 -0.21
CA ARG A 147 -14.54 11.44 -1.59
C ARG A 147 -14.48 12.96 -1.71
N ASN A 148 -15.08 13.66 -0.74
CA ASN A 148 -15.09 15.12 -0.76
C ASN A 148 -13.69 15.70 -0.62
N THR A 149 -12.83 15.01 0.12
CA THR A 149 -11.46 15.47 0.29
C THR A 149 -10.68 15.38 -1.01
N PHE A 150 -10.95 14.36 -1.82
CA PHE A 150 -10.27 14.27 -3.10
C PHE A 150 -10.82 15.28 -4.10
N LEU A 151 -12.12 15.60 -4.02
CA LEU A 151 -12.64 16.66 -4.86
C LEU A 151 -12.03 18.03 -4.49
N ARG A 152 -11.88 18.29 -3.19
CA ARG A 152 -11.20 19.51 -2.77
C ARG A 152 -9.72 19.50 -3.12
N LYS A 153 -9.12 18.31 -3.20
CA LYS A 153 -7.73 18.21 -3.64
C LYS A 153 -7.59 18.61 -5.10
N ALA A 154 -8.55 18.20 -5.94
CA ALA A 154 -8.56 18.66 -7.32
C ALA A 154 -8.79 20.16 -7.43
N TYR A 155 -9.64 20.70 -6.56
CA TYR A 155 -9.89 22.15 -6.57
C TYR A 155 -8.67 22.93 -6.15
N THR A 156 -7.93 22.45 -5.15
CA THR A 156 -6.71 23.12 -4.72
C THR A 156 -5.62 23.02 -5.78
N LYS A 157 -5.60 21.90 -6.52
CA LYS A 157 -4.68 21.78 -7.65
C LYS A 157 -4.98 22.80 -8.73
N LEU A 158 -6.27 23.06 -8.99
CA LEU A 158 -6.63 24.08 -9.97
C LEU A 158 -6.32 25.48 -9.45
N LYS A 159 -6.53 25.72 -8.16
CA LYS A 159 -6.34 27.04 -7.59
C LYS A 159 -4.87 27.42 -7.50
N LEU A 160 -3.99 26.44 -7.35
CA LEU A 160 -2.57 26.76 -7.22
C LEU A 160 -1.93 27.07 -8.57
N GLN A 161 -2.13 26.20 -9.56
CA GLN A 161 -1.40 26.31 -10.83
C GLN A 161 -1.92 27.47 -11.67
N VAL A 162 -1.34 28.65 -11.48
CA VAL A 162 -1.75 29.84 -12.20
C VAL A 162 -0.71 30.16 -13.27
N ASN A 163 -1.04 31.14 -14.11
CA ASN A 163 -0.18 31.51 -15.23
C ASN A 163 0.76 32.64 -14.83
N GLN A 164 1.39 33.27 -15.83
CA GLN A 164 2.30 34.38 -15.59
C GLN A 164 1.58 35.65 -15.17
N ASP A 165 0.27 35.74 -15.41
CA ASP A 165 -0.53 36.88 -15.00
C ASP A 165 -1.31 36.62 -13.72
N GLY A 166 -1.11 35.47 -13.10
CA GLY A 166 -1.78 35.18 -11.85
C GLY A 166 -3.24 34.84 -11.96
N ARG A 167 -3.67 34.32 -13.12
CA ARG A 167 -5.04 33.90 -13.33
C ARG A 167 -5.07 32.41 -13.65
N ILE A 168 -6.27 31.87 -13.78
CA ILE A 168 -6.42 30.46 -14.12
C ILE A 168 -6.80 30.34 -15.58
N PRO A 169 -5.94 29.81 -16.44
CA PRO A 169 -6.34 29.59 -17.83
C PRO A 169 -7.30 28.42 -17.94
N VAL A 170 -8.12 28.45 -18.99
CA VAL A 170 -9.17 27.46 -19.20
C VAL A 170 -8.57 26.10 -19.56
N LYS A 171 -7.35 26.09 -20.10
CA LYS A 171 -6.71 24.86 -20.58
C LYS A 171 -6.44 23.87 -19.44
N ASN A 172 -6.31 24.35 -18.21
CA ASN A 172 -6.17 23.43 -17.08
C ASN A 172 -7.48 22.72 -16.79
N ILE A 173 -8.60 23.44 -16.87
CA ILE A 173 -9.91 22.82 -16.69
C ILE A 173 -10.22 21.88 -17.85
N LEU A 174 -9.74 22.21 -19.05
CA LEU A 174 -9.96 21.32 -20.18
C LEU A 174 -9.05 20.10 -20.11
N LYS A 175 -7.87 20.22 -19.51
CA LYS A 175 -7.01 19.06 -19.32
C LYS A 175 -7.43 18.22 -18.13
N MET A 176 -8.26 18.75 -17.24
CA MET A 176 -8.73 17.96 -16.11
C MET A 176 -9.82 17.00 -16.54
N PHE A 177 -10.95 17.52 -17.02
CA PHE A 177 -12.02 16.69 -17.57
C PHE A 177 -11.90 16.59 -19.08
N SER A 178 -10.90 15.85 -19.55
CA SER A 178 -10.66 15.72 -20.97
C SER A 178 -11.49 14.62 -21.62
N ALA A 179 -12.50 14.09 -20.93
CA ALA A 179 -13.38 13.09 -21.52
C ALA A 179 -14.57 13.71 -22.23
N ASP A 180 -14.54 15.02 -22.45
CA ASP A 180 -15.53 15.77 -23.22
C ASP A 180 -14.97 17.16 -23.45
N LYS A 181 -15.63 17.92 -24.33
CA LYS A 181 -15.32 19.34 -24.44
C LYS A 181 -16.54 20.22 -24.20
N LYS A 182 -17.65 19.95 -24.89
CA LYS A 182 -18.74 20.93 -25.04
C LYS A 182 -19.46 21.17 -23.72
N ARG A 183 -19.56 20.13 -22.88
CA ARG A 183 -20.25 20.28 -21.61
C ARG A 183 -19.47 21.17 -20.66
N VAL A 184 -18.15 21.23 -20.82
CA VAL A 184 -17.31 22.05 -19.94
C VAL A 184 -17.60 23.54 -20.15
N GLU A 185 -17.53 24.00 -21.41
CA GLU A 185 -17.82 25.41 -21.64
C GLU A 185 -19.32 25.70 -21.52
N THR A 186 -20.18 24.69 -21.70
CA THR A 186 -21.60 24.87 -21.46
C THR A 186 -21.88 25.15 -19.98
N ALA A 187 -21.29 24.34 -19.10
CA ALA A 187 -21.47 24.55 -17.67
C ALA A 187 -20.75 25.80 -17.19
N LEU A 188 -19.68 26.20 -17.86
CA LEU A 188 -19.01 27.44 -17.48
C LEU A 188 -19.81 28.66 -17.92
N GLU A 189 -20.53 28.54 -19.04
CA GLU A 189 -21.45 29.61 -19.42
C GLU A 189 -22.66 29.65 -18.50
N SER A 190 -23.10 28.49 -18.02
CA SER A 190 -24.23 28.43 -17.10
C SER A 190 -23.87 29.02 -15.74
N CYS A 191 -22.70 28.67 -15.21
CA CYS A 191 -22.33 29.11 -13.87
C CYS A 191 -21.87 30.56 -13.82
N GLY A 192 -21.63 31.20 -14.95
CA GLY A 192 -21.17 32.57 -14.95
C GLY A 192 -19.67 32.71 -15.04
N LEU A 193 -19.00 31.86 -15.80
CA LEU A 193 -17.56 31.89 -15.94
C LEU A 193 -17.19 32.27 -17.37
N LYS A 194 -15.95 32.72 -17.55
CA LYS A 194 -15.47 33.10 -18.87
C LYS A 194 -14.95 31.87 -19.59
N PHE A 195 -15.63 31.48 -20.68
CA PHE A 195 -15.20 30.37 -21.53
C PHE A 195 -14.61 30.96 -22.81
N ASN A 196 -13.34 30.63 -23.07
CA ASN A 196 -12.59 31.19 -24.19
C ASN A 196 -11.43 30.24 -24.48
N ARG A 197 -10.47 30.73 -25.25
CA ARG A 197 -9.19 30.03 -25.38
C ARG A 197 -8.40 30.15 -24.08
N SER A 198 -8.26 31.37 -23.55
CA SER A 198 -7.52 31.61 -22.33
C SER A 198 -8.42 32.09 -21.19
N GLU A 199 -9.09 33.22 -21.40
CA GLU A 199 -10.16 33.83 -20.60
C GLU A 199 -9.69 34.44 -19.27
N SER A 200 -8.46 34.14 -18.84
CA SER A 200 -7.75 34.72 -17.69
C SER A 200 -8.63 34.88 -16.45
N ILE A 201 -9.13 33.75 -15.94
CA ILE A 201 -10.13 33.76 -14.88
C ILE A 201 -9.51 34.23 -13.57
N ARG A 202 -10.09 35.28 -13.00
CA ARG A 202 -9.66 35.76 -11.69
C ARG A 202 -10.02 34.73 -10.63
N PRO A 203 -9.12 34.45 -9.67
CA PRO A 203 -9.40 33.39 -8.70
C PRO A 203 -10.42 33.79 -7.65
N ASP A 204 -10.85 35.04 -7.59
CA ASP A 204 -11.86 35.44 -6.62
C ASP A 204 -13.22 34.87 -6.98
N GLU A 205 -13.55 34.83 -8.27
CA GLU A 205 -14.83 34.31 -8.74
C GLU A 205 -14.80 32.80 -8.99
N PHE A 206 -13.84 32.10 -8.39
CA PHE A 206 -13.75 30.65 -8.48
C PHE A 206 -13.61 30.04 -7.10
N SER A 207 -14.53 30.39 -6.21
CA SER A 207 -14.58 29.80 -4.89
C SER A 207 -15.16 28.39 -4.94
N LEU A 208 -15.24 27.75 -3.77
CA LEU A 208 -15.55 26.33 -3.71
C LEU A 208 -17.01 26.04 -4.05
N GLU A 209 -17.92 26.97 -3.71
CA GLU A 209 -19.33 26.77 -4.01
C GLU A 209 -19.57 26.81 -5.52
N ILE A 210 -18.84 27.67 -6.22
CA ILE A 210 -18.94 27.73 -7.67
C ILE A 210 -18.36 26.47 -8.31
N PHE A 211 -17.34 25.89 -7.67
CA PHE A 211 -16.81 24.62 -8.15
C PHE A 211 -17.81 23.49 -7.95
N GLU A 212 -18.54 23.51 -6.83
CA GLU A 212 -19.56 22.49 -6.59
C GLU A 212 -20.73 22.63 -7.55
N ARG A 213 -21.14 23.87 -7.85
CA ARG A 213 -22.17 24.10 -8.85
C ARG A 213 -21.73 23.66 -10.23
N PHE A 214 -20.45 23.89 -10.54
CA PHE A 214 -19.91 23.49 -11.84
C PHE A 214 -19.89 21.97 -11.98
N LEU A 215 -19.53 21.26 -10.91
CA LEU A 215 -19.54 19.80 -10.99
C LEU A 215 -20.96 19.25 -11.02
N ASN A 216 -21.88 19.87 -10.29
CA ASN A 216 -23.24 19.36 -10.28
C ASN A 216 -23.98 19.64 -11.58
N LYS A 217 -23.58 20.67 -12.33
CA LYS A 217 -24.15 20.90 -13.65
C LYS A 217 -23.33 20.28 -14.77
N LEU A 218 -22.14 19.76 -14.46
CA LEU A 218 -21.35 19.06 -15.47
C LEU A 218 -21.71 17.58 -15.56
N CYS A 219 -22.10 16.97 -14.44
CA CYS A 219 -22.37 15.54 -14.38
C CYS A 219 -23.70 15.31 -13.69
N LEU A 220 -24.69 14.84 -14.43
CA LEU A 220 -26.02 14.58 -13.90
C LEU A 220 -26.08 13.16 -13.35
N ARG A 221 -26.74 13.01 -12.20
CA ARG A 221 -26.70 11.77 -11.43
C ARG A 221 -28.09 11.18 -11.27
N PRO A 222 -28.54 10.35 -12.21
CA PRO A 222 -29.83 9.66 -12.00
C PRO A 222 -29.75 8.50 -11.04
N ASP A 223 -28.54 8.03 -10.71
CA ASP A 223 -28.39 6.94 -9.75
C ASP A 223 -28.77 7.37 -8.34
N ILE A 224 -28.34 8.55 -7.90
CA ILE A 224 -28.74 9.04 -6.58
C ILE A 224 -30.22 9.40 -6.57
N ASP A 225 -30.79 9.77 -7.71
CA ASP A 225 -32.24 9.92 -7.80
C ASP A 225 -32.95 8.58 -7.62
N LYS A 226 -32.36 7.50 -8.15
CA LYS A 226 -32.94 6.19 -7.94
C LYS A 226 -32.83 5.76 -6.48
N ILE A 227 -31.73 6.13 -5.83
CA ILE A 227 -31.56 5.79 -4.41
C ILE A 227 -32.55 6.57 -3.55
N LEU A 228 -32.77 7.85 -3.89
CA LEU A 228 -33.76 8.63 -3.17
C LEU A 228 -35.18 8.12 -3.44
N LEU A 229 -35.40 7.55 -4.63
CA LEU A 229 -36.68 6.91 -4.90
C LEU A 229 -36.84 5.64 -4.08
N GLU A 230 -35.74 4.94 -3.78
CA GLU A 230 -35.85 3.65 -3.14
C GLU A 230 -35.88 3.71 -1.61
N ILE A 231 -35.39 4.78 -1.00
CA ILE A 231 -35.24 4.83 0.45
C ILE A 231 -36.44 5.50 1.13
N GLY A 232 -37.54 5.67 0.42
CA GLY A 232 -38.77 6.13 1.03
C GLY A 232 -39.18 7.53 0.66
N ALA A 233 -38.40 8.24 -0.15
CA ALA A 233 -38.84 9.55 -0.63
C ALA A 233 -39.63 9.39 -1.91
N LYS A 234 -40.79 8.71 -1.83
CA LYS A 234 -41.72 8.72 -2.94
C LYS A 234 -42.48 10.03 -3.03
N GLY A 235 -42.50 10.80 -1.93
CA GLY A 235 -42.71 12.23 -2.00
C GLY A 235 -41.41 12.87 -2.43
N LYS A 236 -41.49 13.91 -3.25
CA LYS A 236 -40.33 14.40 -3.99
C LYS A 236 -39.23 15.03 -3.17
N PRO A 237 -39.44 16.15 -2.44
CA PRO A 237 -38.31 17.07 -2.20
C PRO A 237 -37.26 16.66 -1.17
N TYR A 238 -37.67 16.15 -0.01
CA TYR A 238 -36.78 16.13 1.14
C TYR A 238 -36.79 14.76 1.80
N LEU A 239 -36.08 14.67 2.92
CA LEU A 239 -36.04 13.53 3.82
C LEU A 239 -36.32 14.00 5.23
N THR A 240 -37.18 13.27 5.94
CA THR A 240 -37.40 13.56 7.35
C THR A 240 -36.40 12.82 8.21
N LEU A 241 -36.47 13.05 9.52
CA LEU A 241 -35.50 12.48 10.45
C LEU A 241 -35.67 10.97 10.56
N GLU A 242 -36.91 10.49 10.60
CA GLU A 242 -37.11 9.05 10.68
C GLU A 242 -36.71 8.36 9.38
N GLN A 243 -36.83 9.04 8.24
CA GLN A 243 -36.43 8.42 6.98
C GLN A 243 -34.92 8.31 6.87
N LEU A 244 -34.20 9.39 7.19
CA LEU A 244 -32.74 9.35 7.13
C LEU A 244 -32.16 8.44 8.19
N MET A 245 -32.73 8.47 9.40
CA MET A 245 -32.29 7.61 10.48
C MET A 245 -32.57 6.14 10.17
N ASP A 246 -33.71 5.84 9.55
CA ASP A 246 -34.01 4.46 9.21
C ASP A 246 -33.20 4.00 8.01
N PHE A 247 -32.85 4.92 7.12
CA PHE A 247 -31.95 4.57 6.02
C PHE A 247 -30.58 4.17 6.53
N ILE A 248 -30.02 4.98 7.45
CA ILE A 248 -28.71 4.66 8.02
C ILE A 248 -28.78 3.37 8.83
N ASN A 249 -29.76 3.28 9.74
CA ASN A 249 -29.85 2.13 10.64
C ASN A 249 -30.40 0.88 9.99
N GLN A 250 -30.85 0.95 8.73
CA GLN A 250 -31.31 -0.24 8.01
C GLN A 250 -30.30 -0.67 6.96
N LYS A 251 -29.92 0.22 6.05
CA LYS A 251 -28.93 -0.16 5.05
C LYS A 251 -27.53 -0.18 5.65
N GLN A 252 -27.07 0.96 6.18
CA GLN A 252 -25.65 1.16 6.41
C GLN A 252 -25.11 0.47 7.66
N ARG A 253 -25.83 -0.46 8.27
CA ARG A 253 -25.32 -1.16 9.43
C ARG A 253 -24.34 -2.25 9.01
N ASP A 254 -23.80 -2.94 10.01
CA ASP A 254 -22.94 -4.09 9.81
C ASP A 254 -23.43 -5.15 10.79
N PRO A 255 -24.26 -6.09 10.33
CA PRO A 255 -24.96 -6.98 11.27
C PRO A 255 -24.09 -8.01 11.97
N ARG A 256 -22.80 -8.07 11.64
CA ARG A 256 -21.91 -8.99 12.32
C ARG A 256 -21.54 -8.49 13.72
N LEU A 257 -21.61 -7.19 13.96
CA LEU A 257 -21.15 -6.61 15.21
C LEU A 257 -22.20 -6.79 16.31
N ASN A 258 -21.93 -6.18 17.46
CA ASN A 258 -22.82 -6.25 18.62
C ASN A 258 -23.60 -4.96 18.76
N GLU A 259 -24.87 -5.07 19.14
CA GLU A 259 -25.74 -3.92 19.30
C GLU A 259 -25.49 -3.17 20.60
N VAL A 260 -24.62 -3.66 21.47
CA VAL A 260 -24.34 -3.00 22.73
C VAL A 260 -22.98 -2.31 22.76
N LEU A 261 -22.10 -2.60 21.80
CA LEU A 261 -20.82 -1.93 21.69
C LEU A 261 -20.79 -0.87 20.60
N TYR A 262 -21.59 -1.05 19.55
CA TYR A 262 -21.67 -0.12 18.43
C TYR A 262 -23.15 0.26 18.33
N PRO A 263 -23.60 1.20 19.15
CA PRO A 263 -25.04 1.39 19.34
C PRO A 263 -25.66 2.10 18.15
N PRO A 264 -26.94 1.88 17.88
CA PRO A 264 -27.56 2.48 16.70
C PRO A 264 -27.74 3.98 16.84
N LEU A 265 -28.04 4.62 15.72
CA LEU A 265 -28.11 6.07 15.64
C LEU A 265 -29.44 6.57 16.20
N ARG A 266 -29.36 7.58 17.04
CA ARG A 266 -30.46 8.32 17.63
C ARG A 266 -30.73 9.58 16.83
N PRO A 267 -31.94 10.15 16.90
CA PRO A 267 -32.18 11.41 16.18
C PRO A 267 -31.44 12.59 16.79
N SER A 268 -31.13 12.54 18.08
CA SER A 268 -30.35 13.58 18.72
C SER A 268 -28.94 13.66 18.16
N GLN A 269 -28.40 12.53 17.71
CA GLN A 269 -27.13 12.56 16.99
C GLN A 269 -27.32 12.72 15.49
N ALA A 270 -28.51 12.42 14.97
CA ALA A 270 -28.74 12.52 13.54
C ALA A 270 -29.07 13.92 13.09
N ARG A 271 -29.36 14.84 14.01
CA ARG A 271 -29.57 16.22 13.60
C ARG A 271 -28.28 16.90 13.17
N LEU A 272 -27.13 16.47 13.72
CA LEU A 272 -25.86 17.13 13.41
C LEU A 272 -25.45 16.91 11.96
N LEU A 273 -25.83 15.80 11.35
CA LEU A 273 -25.52 15.57 9.96
C LEU A 273 -26.28 16.52 9.05
N ILE A 274 -27.53 16.83 9.40
CA ILE A 274 -28.32 17.77 8.63
C ILE A 274 -27.79 19.19 8.85
N GLU A 275 -27.39 19.51 10.08
CA GLU A 275 -26.78 20.81 10.34
C GLU A 275 -25.39 20.94 9.71
N LYS A 276 -24.73 19.83 9.40
CA LYS A 276 -23.40 19.86 8.81
C LYS A 276 -23.39 19.84 7.29
N TYR A 277 -24.31 19.14 6.65
CA TYR A 277 -24.20 18.89 5.22
C TYR A 277 -25.19 19.65 4.35
N GLU A 278 -26.34 20.02 4.86
CA GLU A 278 -27.36 20.62 4.01
C GLU A 278 -27.04 22.09 3.73
N PRO A 279 -26.95 22.51 2.47
CA PRO A 279 -26.66 23.92 2.18
C PRO A 279 -27.86 24.84 2.28
N ASN A 280 -29.07 24.31 2.24
CA ASN A 280 -30.27 25.15 2.17
C ASN A 280 -30.76 25.46 3.59
N GLN A 281 -30.81 26.75 3.92
CA GLN A 281 -31.23 27.19 5.24
C GLN A 281 -32.73 27.03 5.48
N GLN A 282 -33.51 26.79 4.41
CA GLN A 282 -34.95 26.62 4.57
C GLN A 282 -35.32 25.18 4.90
N PHE A 283 -34.59 24.21 4.33
CA PHE A 283 -34.80 22.82 4.71
C PHE A 283 -34.24 22.52 6.09
N LEU A 284 -33.29 23.31 6.56
CA LEU A 284 -32.56 22.97 7.77
C LEU A 284 -33.38 23.29 9.02
N GLU A 285 -34.14 24.39 9.00
CA GLU A 285 -34.95 24.77 10.15
C GLU A 285 -36.09 23.79 10.36
N ARG A 286 -36.62 23.23 9.28
CA ARG A 286 -37.61 22.16 9.36
C ARG A 286 -36.96 20.79 9.50
N ASP A 287 -35.63 20.73 9.62
CA ASP A 287 -34.84 19.50 9.79
C ASP A 287 -35.06 18.52 8.64
N GLN A 288 -34.66 18.93 7.44
CA GLN A 288 -34.82 18.14 6.24
C GLN A 288 -33.51 18.08 5.47
N MET A 289 -33.47 17.20 4.46
CA MET A 289 -32.26 16.98 3.68
C MET A 289 -32.64 16.82 2.21
N SER A 290 -32.21 17.77 1.38
CA SER A 290 -32.51 17.72 -0.03
C SER A 290 -31.55 16.78 -0.76
N MET A 291 -31.68 16.75 -2.09
CA MET A 291 -30.82 15.89 -2.90
C MET A 291 -29.39 16.39 -2.91
N GLU A 292 -29.22 17.72 -2.96
CA GLU A 292 -27.88 18.31 -2.96
C GLU A 292 -27.16 18.10 -1.65
N GLY A 293 -27.89 17.90 -0.56
CA GLY A 293 -27.29 17.62 0.73
C GLY A 293 -27.04 16.14 0.93
N PHE A 294 -27.91 15.29 0.37
CA PHE A 294 -27.71 13.86 0.50
C PHE A 294 -26.54 13.39 -0.35
N SER A 295 -26.33 14.02 -1.51
CA SER A 295 -25.16 13.72 -2.32
C SER A 295 -23.88 14.12 -1.61
N ARG A 296 -23.93 15.18 -0.80
CA ARG A 296 -22.79 15.53 0.02
C ARG A 296 -22.62 14.56 1.17
N TYR A 297 -23.72 13.99 1.66
CA TYR A 297 -23.62 13.04 2.76
C TYR A 297 -22.93 11.75 2.33
N LEU A 298 -23.23 11.27 1.11
CA LEU A 298 -22.74 9.96 0.69
C LEU A 298 -21.23 9.89 0.48
N GLY A 299 -20.51 11.01 0.57
CA GLY A 299 -19.07 10.97 0.47
C GLY A 299 -18.35 11.72 1.57
N GLY A 300 -18.86 11.66 2.79
CA GLY A 300 -18.28 12.37 3.90
C GLY A 300 -17.40 11.49 4.77
N GLU A 301 -17.03 12.03 5.92
CA GLU A 301 -16.24 11.26 6.88
C GLU A 301 -17.05 10.15 7.51
N GLU A 302 -18.36 10.32 7.62
CA GLU A 302 -19.17 9.40 8.40
C GLU A 302 -19.42 8.11 7.64
N ASN A 303 -19.54 8.18 6.31
CA ASN A 303 -19.86 7.03 5.49
C ASN A 303 -18.66 6.69 4.61
N GLY A 304 -17.75 5.89 5.18
CA GLY A 304 -16.62 5.37 4.43
C GLY A 304 -16.82 3.91 4.06
N ILE A 305 -15.83 3.36 3.38
CA ILE A 305 -15.89 1.97 2.99
C ILE A 305 -15.24 1.06 4.03
N LEU A 306 -14.28 1.58 4.79
CA LEU A 306 -13.70 0.83 5.90
C LEU A 306 -13.82 1.65 7.18
N PRO A 307 -14.04 1.03 8.32
CA PRO A 307 -13.98 1.75 9.59
C PRO A 307 -12.54 2.03 9.97
N LEU A 308 -12.37 3.04 10.82
CA LEU A 308 -11.04 3.52 11.19
C LEU A 308 -10.29 2.53 12.08
N GLU A 309 -10.97 1.54 12.65
CA GLU A 309 -10.29 0.51 13.41
C GLU A 309 -9.51 -0.46 12.54
N ALA A 310 -9.72 -0.44 11.23
CA ALA A 310 -9.05 -1.37 10.33
C ALA A 310 -7.60 -0.98 10.07
N LEU A 311 -7.30 0.32 10.03
CA LEU A 311 -5.94 0.74 9.68
C LEU A 311 -5.14 1.17 10.90
N ASP A 312 -5.78 1.39 12.03
CA ASP A 312 -5.10 1.66 13.28
C ASP A 312 -4.34 0.41 13.71
N LEU A 313 -3.22 0.62 14.40
CA LEU A 313 -2.37 -0.47 14.86
C LEU A 313 -3.02 -1.21 16.03
N SER A 314 -4.15 -1.89 15.78
CA SER A 314 -4.95 -2.49 16.82
C SER A 314 -4.83 -4.00 16.85
N THR A 315 -3.88 -4.55 16.10
CA THR A 315 -3.62 -5.98 16.12
C THR A 315 -2.85 -6.31 17.40
N ASP A 316 -3.20 -7.44 18.02
CA ASP A 316 -2.52 -7.90 19.21
C ASP A 316 -1.11 -8.34 18.83
N MET A 317 -0.12 -7.50 19.15
CA MET A 317 1.25 -7.74 18.72
C MET A 317 2.05 -8.53 19.76
N THR A 318 1.40 -9.41 20.51
CA THR A 318 2.04 -10.11 21.62
C THR A 318 2.34 -11.57 21.32
N GLN A 319 1.66 -12.16 20.33
CA GLN A 319 1.81 -13.57 19.96
C GLN A 319 3.22 -13.87 19.44
N PRO A 320 3.63 -15.14 19.40
CA PRO A 320 4.95 -15.49 18.85
C PRO A 320 5.08 -15.12 17.37
N LEU A 321 6.34 -15.05 16.94
CA LEU A 321 6.67 -14.58 15.60
C LEU A 321 6.19 -15.51 14.51
N SER A 322 5.92 -16.77 14.84
CA SER A 322 5.45 -17.75 13.86
C SER A 322 4.00 -17.56 13.47
N ALA A 323 3.27 -16.69 14.14
CA ALA A 323 1.85 -16.45 13.87
C ALA A 323 1.63 -15.15 13.10
N TYR A 324 2.50 -14.85 12.14
CA TYR A 324 2.47 -13.55 11.49
C TYR A 324 2.89 -13.67 10.03
N PHE A 325 2.00 -13.27 9.12
CA PHE A 325 2.42 -13.04 7.75
C PHE A 325 3.36 -11.85 7.70
N ILE A 326 4.57 -12.04 7.19
CA ILE A 326 5.58 -11.00 7.13
C ILE A 326 5.80 -10.61 5.68
N ASN A 327 5.72 -9.31 5.41
CA ASN A 327 5.96 -8.80 4.06
C ASN A 327 7.43 -8.96 3.71
N SER A 328 7.72 -9.72 2.66
CA SER A 328 9.10 -10.02 2.30
C SER A 328 9.33 -9.77 0.82
N SER A 329 10.60 -9.85 0.43
CA SER A 329 11.06 -9.60 -0.93
C SER A 329 12.02 -10.70 -1.35
N HIS A 330 12.40 -10.70 -2.63
CA HIS A 330 13.34 -11.68 -3.14
C HIS A 330 14.14 -11.06 -4.26
N ASN A 331 15.47 -11.17 -4.17
CA ASN A 331 16.44 -10.46 -5.01
C ASN A 331 16.14 -8.97 -5.03
N THR A 332 16.29 -8.35 -3.87
CA THR A 332 15.91 -6.95 -3.72
C THR A 332 16.85 -6.01 -4.45
N TYR A 333 18.09 -6.43 -4.72
CA TYR A 333 19.05 -5.55 -5.38
C TYR A 333 18.74 -5.35 -6.86
N LEU A 334 17.96 -6.23 -7.48
CA LEU A 334 17.70 -6.12 -8.90
C LEU A 334 16.63 -5.07 -9.18
N THR A 335 16.67 -4.52 -10.38
CA THR A 335 15.65 -3.58 -10.83
C THR A 335 14.99 -3.99 -12.14
N ALA A 336 15.36 -5.12 -12.71
CA ALA A 336 14.86 -5.57 -14.01
C ALA A 336 14.87 -7.10 -13.98
N GLY A 337 14.89 -7.72 -15.16
CA GLY A 337 14.99 -9.15 -15.29
C GLY A 337 16.19 -9.79 -14.63
N GLN A 338 16.10 -11.10 -14.37
CA GLN A 338 17.12 -11.78 -13.57
C GLN A 338 18.44 -11.92 -14.31
N LEU A 339 18.41 -11.99 -15.64
CA LEU A 339 19.62 -12.32 -16.38
C LEU A 339 20.55 -11.12 -16.51
N ALA A 340 20.11 -10.07 -17.19
CA ALA A 340 20.98 -8.93 -17.51
C ALA A 340 20.46 -7.64 -16.90
N GLY A 341 20.10 -7.68 -15.62
CA GLY A 341 19.67 -6.49 -14.93
C GLY A 341 20.86 -5.66 -14.49
N THR A 342 20.55 -4.52 -13.86
CA THR A 342 21.55 -3.63 -13.26
C THR A 342 21.22 -3.54 -11.77
N SER A 343 22.10 -4.06 -10.93
CA SER A 343 21.88 -3.99 -9.49
C SER A 343 22.01 -2.54 -9.00
N SER A 344 21.20 -2.19 -8.01
CA SER A 344 21.14 -0.82 -7.51
C SER A 344 20.88 -0.84 -6.03
N VAL A 345 21.42 0.15 -5.32
CA VAL A 345 21.27 0.21 -3.87
C VAL A 345 19.98 0.92 -3.47
N GLU A 346 19.32 1.60 -4.42
CA GLU A 346 18.14 2.37 -4.08
C GLU A 346 16.94 1.47 -3.80
N MET A 347 16.94 0.27 -4.37
CA MET A 347 15.80 -0.61 -4.23
C MET A 347 15.70 -1.16 -2.80
N TYR A 348 16.81 -1.21 -2.07
CA TYR A 348 16.76 -1.57 -0.67
C TYR A 348 16.03 -0.52 0.16
N ARG A 349 16.32 0.76 -0.12
CA ARG A 349 15.63 1.84 0.57
C ARG A 349 14.15 1.89 0.22
N GLN A 350 13.82 1.67 -1.06
CA GLN A 350 12.42 1.71 -1.46
C GLN A 350 11.66 0.52 -0.89
N ALA A 351 12.29 -0.65 -0.81
CA ALA A 351 11.61 -1.81 -0.25
C ALA A 351 11.41 -1.67 1.25
N LEU A 352 12.41 -1.16 1.98
CA LEU A 352 12.24 -1.03 3.43
C LEU A 352 11.29 0.11 3.77
N LEU A 353 11.25 1.17 2.97
CA LEU A 353 10.31 2.25 3.24
C LEU A 353 8.89 1.89 2.82
N TRP A 354 8.74 0.95 1.89
CA TRP A 354 7.39 0.52 1.52
C TRP A 354 6.75 -0.36 2.56
N GLY A 355 7.52 -1.16 3.27
CA GLY A 355 6.96 -2.01 4.31
C GLY A 355 7.45 -3.45 4.25
N CYS A 356 8.45 -3.71 3.43
CA CYS A 356 9.09 -5.03 3.43
C CYS A 356 9.91 -5.21 4.69
N ARG A 357 9.96 -6.44 5.19
CA ARG A 357 10.70 -6.73 6.41
C ARG A 357 11.76 -7.81 6.27
N CYS A 358 11.78 -8.56 5.17
CA CYS A 358 12.81 -9.57 4.95
C CYS A 358 13.42 -9.33 3.56
N VAL A 359 14.60 -8.73 3.53
CA VAL A 359 15.28 -8.45 2.29
C VAL A 359 16.42 -9.44 2.09
N GLU A 360 16.95 -9.51 0.88
CA GLU A 360 17.97 -10.49 0.53
C GLU A 360 19.30 -9.83 0.23
N LEU A 361 20.37 -10.61 0.40
CA LEU A 361 21.72 -10.18 0.06
C LEU A 361 22.46 -11.41 -0.46
N ASP A 362 22.97 -11.33 -1.69
CA ASP A 362 23.81 -12.38 -2.26
C ASP A 362 25.22 -11.81 -2.34
N VAL A 363 26.08 -12.23 -1.43
CA VAL A 363 27.41 -11.67 -1.29
C VAL A 363 28.39 -12.51 -2.10
N TRP A 364 29.42 -11.88 -2.64
CA TRP A 364 30.44 -12.58 -3.41
C TRP A 364 31.82 -12.11 -2.98
N LYS A 365 32.84 -12.90 -3.31
CA LYS A 365 34.19 -12.65 -2.79
C LYS A 365 34.84 -11.48 -3.53
N GLY A 366 35.96 -11.02 -2.97
CA GLY A 366 36.63 -9.84 -3.45
C GLY A 366 37.81 -10.11 -4.36
N ARG A 367 38.34 -9.03 -4.91
CA ARG A 367 39.38 -9.05 -5.92
C ARG A 367 40.75 -9.19 -5.26
N PRO A 368 41.81 -9.43 -6.03
CA PRO A 368 43.17 -9.40 -5.47
C PRO A 368 43.59 -8.06 -4.87
N PRO A 369 43.59 -6.89 -5.64
CA PRO A 369 44.39 -5.75 -5.14
C PRO A 369 43.78 -5.03 -3.94
N GLU A 370 42.49 -4.77 -3.95
CA GLU A 370 41.76 -4.32 -2.79
C GLU A 370 41.01 -5.51 -2.20
N GLU A 371 40.33 -5.28 -1.09
CA GLU A 371 39.48 -6.32 -0.51
C GLU A 371 38.13 -5.70 -0.20
N GLU A 372 37.09 -6.16 -0.89
CA GLU A 372 35.71 -5.75 -0.65
C GLU A 372 34.76 -6.80 -1.21
N PRO A 373 33.77 -7.25 -0.44
CA PRO A 373 32.74 -8.13 -1.01
C PRO A 373 31.67 -7.30 -1.70
N PHE A 374 31.18 -7.81 -2.82
CA PHE A 374 30.14 -7.12 -3.57
C PHE A 374 28.88 -7.97 -3.68
N ILE A 375 27.80 -7.32 -4.06
CA ILE A 375 26.47 -7.93 -4.16
C ILE A 375 26.06 -7.95 -5.62
N THR A 376 25.79 -9.13 -6.16
CA THR A 376 25.28 -9.29 -7.52
C THR A 376 24.69 -10.68 -7.67
N HIS A 377 23.99 -10.87 -8.78
CA HIS A 377 23.46 -12.18 -9.12
C HIS A 377 24.57 -13.11 -9.55
N GLY A 378 24.33 -14.41 -9.40
CA GLY A 378 25.37 -15.39 -9.62
C GLY A 378 25.69 -15.67 -11.06
N PHE A 379 26.84 -15.13 -11.50
CA PHE A 379 27.46 -15.24 -12.83
C PHE A 379 26.44 -15.18 -13.98
N THR A 380 25.67 -14.08 -14.02
CA THR A 380 24.81 -13.80 -15.17
C THR A 380 25.15 -12.47 -15.82
N MET A 381 26.30 -11.87 -15.46
CA MET A 381 26.83 -10.63 -16.05
C MET A 381 25.85 -9.47 -15.84
N THR A 382 25.73 -9.06 -14.57
CA THR A 382 25.03 -7.85 -14.17
C THR A 382 26.06 -6.85 -13.64
N THR A 383 25.56 -5.77 -13.05
CA THR A 383 26.44 -4.83 -12.38
C THR A 383 26.78 -5.33 -10.97
N GLU A 384 27.48 -4.51 -10.22
CA GLU A 384 27.93 -4.89 -8.88
C GLU A 384 27.80 -3.68 -7.96
N VAL A 385 27.16 -3.86 -6.81
CA VAL A 385 27.18 -2.86 -5.75
C VAL A 385 28.01 -3.41 -4.60
N PRO A 386 28.73 -2.59 -3.85
CA PRO A 386 29.49 -3.10 -2.72
C PRO A 386 28.61 -3.27 -1.49
N LEU A 387 29.09 -4.12 -0.56
CA LEU A 387 28.27 -4.52 0.58
C LEU A 387 28.11 -3.39 1.59
N ARG A 388 29.08 -2.47 1.65
CA ARG A 388 29.07 -1.44 2.68
C ARG A 388 27.94 -0.44 2.45
N ASP A 389 27.72 -0.04 1.19
CA ASP A 389 26.64 0.89 0.89
C ASP A 389 25.27 0.26 1.13
N VAL A 390 25.15 -1.05 0.85
CA VAL A 390 23.89 -1.75 1.08
C VAL A 390 23.58 -1.83 2.57
N LEU A 391 24.58 -2.16 3.38
CA LEU A 391 24.35 -2.23 4.81
C LEU A 391 24.09 -0.87 5.42
N GLU A 392 24.69 0.18 4.85
CA GLU A 392 24.40 1.53 5.33
C GLU A 392 22.98 1.96 4.96
N ALA A 393 22.50 1.57 3.78
CA ALA A 393 21.14 1.93 3.38
C ALA A 393 20.11 1.20 4.22
N ILE A 394 20.38 -0.07 4.54
CA ILE A 394 19.50 -0.82 5.43
C ILE A 394 19.52 -0.22 6.83
N ALA A 395 20.67 0.25 7.28
CA ALA A 395 20.73 0.87 8.61
C ALA A 395 20.04 2.22 8.63
N GLU A 396 20.00 2.92 7.50
CA GLU A 396 19.34 4.21 7.45
C GLU A 396 17.82 4.06 7.47
N THR A 397 17.27 3.24 6.57
CA THR A 397 15.83 3.17 6.40
C THR A 397 15.22 1.90 6.98
N ALA A 398 15.69 1.39 8.11
CA ALA A 398 15.08 0.19 8.66
C ALA A 398 13.83 0.47 9.45
N PHE A 399 13.74 1.64 10.09
CA PHE A 399 12.64 1.93 11.01
C PHE A 399 12.03 3.30 10.76
N LYS A 400 12.21 3.84 9.56
CA LYS A 400 11.61 5.13 9.23
C LYS A 400 10.10 5.03 9.04
N THR A 401 9.57 3.85 8.82
CA THR A 401 8.15 3.67 8.60
C THR A 401 7.48 2.79 9.64
N SER A 402 8.12 1.71 10.06
CA SER A 402 7.47 0.81 11.01
C SER A 402 8.47 0.23 12.00
N PRO A 403 8.39 0.56 13.27
CA PRO A 403 9.35 0.04 14.26
C PRO A 403 9.08 -1.41 14.66
N TYR A 404 9.57 -2.33 13.83
CA TYR A 404 9.31 -3.75 14.00
C TYR A 404 10.48 -4.51 13.39
N PRO A 405 10.76 -5.73 13.84
CA PRO A 405 12.06 -6.35 13.53
C PRO A 405 12.22 -6.72 12.06
N VAL A 406 13.37 -6.31 11.50
CA VAL A 406 13.72 -6.54 10.12
C VAL A 406 14.67 -7.72 10.05
N ILE A 407 14.32 -8.75 9.30
CA ILE A 407 15.14 -9.94 9.14
C ILE A 407 16.01 -9.79 7.91
N LEU A 408 17.32 -9.87 8.09
CA LEU A 408 18.24 -9.91 6.96
C LEU A 408 18.46 -11.35 6.54
N SER A 409 18.51 -11.60 5.25
CA SER A 409 18.61 -12.96 4.73
C SER A 409 19.88 -13.06 3.88
N PHE A 410 20.98 -13.40 4.53
CA PHE A 410 22.23 -13.59 3.82
C PHE A 410 22.18 -14.86 2.99
N GLU A 411 22.72 -14.79 1.78
CA GLU A 411 22.89 -15.94 0.90
C GLU A 411 24.37 -15.98 0.57
N ASN A 412 25.15 -16.59 1.44
CA ASN A 412 26.58 -16.37 1.47
C ASN A 412 27.29 -17.21 0.43
N HIS A 413 28.30 -16.62 -0.21
CA HIS A 413 29.14 -17.32 -1.17
C HIS A 413 30.62 -17.04 -0.98
N VAL A 414 31.00 -16.18 -0.05
CA VAL A 414 32.39 -15.83 0.15
C VAL A 414 33.09 -16.97 0.89
N ASP A 415 34.21 -17.44 0.33
CA ASP A 415 34.91 -18.59 0.86
C ASP A 415 36.24 -18.22 1.50
N SER A 416 36.64 -16.97 1.42
CA SER A 416 37.89 -16.50 2.02
C SER A 416 37.54 -15.89 3.37
N ALA A 417 38.01 -16.51 4.44
CA ALA A 417 37.52 -16.21 5.79
C ALA A 417 37.96 -14.83 6.28
N LYS A 418 38.99 -14.26 5.67
CA LYS A 418 39.36 -12.88 5.95
C LYS A 418 38.25 -11.92 5.55
N GLN A 419 37.70 -12.12 4.35
CA GLN A 419 36.57 -11.31 3.91
C GLN A 419 35.31 -11.62 4.69
N GLN A 420 35.20 -12.84 5.23
CA GLN A 420 34.05 -13.16 6.06
C GLN A 420 34.10 -12.43 7.39
N ALA A 421 35.29 -12.34 8.00
CA ALA A 421 35.43 -11.55 9.21
C ALA A 421 35.28 -10.07 8.92
N LYS A 422 35.68 -9.63 7.71
CA LYS A 422 35.46 -8.25 7.29
C LYS A 422 33.96 -7.94 7.19
N MET A 423 33.20 -8.87 6.63
CA MET A 423 31.75 -8.71 6.53
C MET A 423 31.08 -8.70 7.90
N ALA A 424 31.53 -9.54 8.82
CA ALA A 424 30.97 -9.53 10.17
C ALA A 424 31.30 -8.24 10.91
N GLU A 425 32.50 -7.70 10.69
CA GLU A 425 32.87 -6.44 11.35
C GLU A 425 32.10 -5.27 10.75
N TYR A 426 31.80 -5.34 9.44
CA TYR A 426 30.93 -4.36 8.81
C TYR A 426 29.54 -4.37 9.45
N CYS A 427 28.98 -5.57 9.64
CA CYS A 427 27.64 -5.71 10.19
C CYS A 427 27.58 -5.24 11.64
N ARG A 428 28.67 -5.43 12.39
CA ARG A 428 28.64 -4.99 13.79
C ARG A 428 28.88 -3.49 13.90
N SER A 429 29.77 -2.93 13.07
CA SER A 429 30.11 -1.53 13.21
C SER A 429 29.05 -0.61 12.63
N ILE A 430 28.28 -1.08 11.65
CA ILE A 430 27.32 -0.19 11.00
C ILE A 430 26.04 -0.06 11.82
N PHE A 431 25.50 -1.18 12.31
CA PHE A 431 24.19 -1.17 12.95
C PHE A 431 24.24 -0.59 14.35
N GLY A 432 24.97 -1.23 15.25
CA GLY A 432 25.13 -0.74 16.61
C GLY A 432 24.34 -1.57 17.61
N ASP A 433 23.54 -0.91 18.43
CA ASP A 433 22.76 -1.61 19.44
C ASP A 433 21.58 -2.37 18.85
N ALA A 434 21.21 -2.09 17.59
CA ALA A 434 20.01 -2.70 17.02
C ALA A 434 20.24 -4.18 16.72
N LEU A 435 21.44 -4.54 16.26
CA LEU A 435 21.73 -5.90 15.85
C LEU A 435 21.69 -6.85 17.03
N LEU A 436 20.98 -7.95 16.88
CA LEU A 436 20.73 -8.89 17.97
C LEU A 436 21.96 -9.77 18.14
N ILE A 437 22.92 -9.26 18.92
CA ILE A 437 24.17 -9.98 19.10
C ILE A 437 24.09 -11.01 20.22
N GLU A 438 23.11 -10.91 21.12
CA GLU A 438 22.98 -11.84 22.22
C GLU A 438 21.52 -12.26 22.35
N PRO A 439 21.25 -13.52 22.68
CA PRO A 439 19.87 -13.96 22.93
C PRO A 439 19.30 -13.31 24.18
N LEU A 440 17.99 -13.36 24.29
CA LEU A 440 17.26 -12.66 25.33
C LEU A 440 17.14 -13.51 26.60
N ASP A 441 16.72 -12.86 27.69
CA ASP A 441 16.71 -13.53 28.99
C ASP A 441 15.53 -14.49 29.10
N LYS A 442 14.34 -14.05 28.75
CA LYS A 442 13.15 -14.88 28.91
C LYS A 442 13.12 -16.02 27.90
N TYR A 443 13.70 -15.83 26.73
CA TYR A 443 13.63 -16.83 25.67
C TYR A 443 15.02 -17.38 25.39
N PRO A 444 15.34 -18.59 25.82
CA PRO A 444 16.62 -19.21 25.46
C PRO A 444 16.48 -20.04 24.19
N LEU A 445 17.62 -20.54 23.73
CA LEU A 445 17.67 -21.40 22.55
C LEU A 445 17.70 -22.87 22.96
N ALA A 446 16.61 -23.30 23.62
CA ALA A 446 16.45 -24.65 24.10
C ALA A 446 15.31 -25.33 23.35
N PRO A 447 15.35 -26.65 23.20
CA PRO A 447 14.21 -27.34 22.58
C PRO A 447 12.97 -27.32 23.47
N GLY A 448 11.97 -26.53 23.09
CA GLY A 448 10.72 -26.52 23.81
C GLY A 448 10.07 -25.16 23.98
N VAL A 449 10.81 -24.10 23.68
CA VAL A 449 10.34 -22.74 23.93
C VAL A 449 10.07 -22.04 22.61
N PRO A 450 8.93 -21.35 22.45
CA PRO A 450 8.63 -20.71 21.16
C PRO A 450 9.47 -19.47 20.86
N LEU A 451 9.20 -18.84 19.73
CA LEU A 451 9.94 -17.68 19.28
C LEU A 451 9.51 -16.44 20.07
N PRO A 452 10.31 -15.36 20.04
CA PRO A 452 9.84 -14.11 20.65
C PRO A 452 8.71 -13.45 19.89
N SER A 453 8.20 -12.46 20.42
CA SER A 453 7.13 -11.64 19.91
C SER A 453 7.68 -10.49 19.07
N PRO A 454 6.89 -9.93 18.16
CA PRO A 454 7.30 -8.68 17.51
C PRO A 454 7.39 -7.51 18.47
N GLN A 455 6.61 -7.52 19.55
CA GLN A 455 6.69 -6.42 20.51
C GLN A 455 7.95 -6.50 21.34
N ASP A 456 8.47 -7.71 21.58
CA ASP A 456 9.69 -7.85 22.35
C ASP A 456 10.93 -7.44 21.56
N LEU A 457 10.84 -7.44 20.24
CA LEU A 457 11.98 -7.14 19.37
C LEU A 457 11.77 -5.86 18.59
N MET A 458 11.13 -4.86 19.19
CA MET A 458 10.91 -3.60 18.50
C MET A 458 12.21 -2.84 18.33
N GLY A 459 12.62 -2.66 17.10
CA GLY A 459 13.83 -1.92 16.80
C GLY A 459 15.06 -2.77 16.66
N ARG A 460 14.93 -4.07 16.44
CA ARG A 460 16.07 -4.96 16.35
C ARG A 460 16.20 -5.50 14.92
N ILE A 461 17.36 -6.08 14.65
CA ILE A 461 17.68 -6.59 13.31
C ILE A 461 18.25 -8.00 13.47
N LEU A 462 17.60 -8.97 12.85
CA LEU A 462 17.99 -10.37 12.93
C LEU A 462 18.60 -10.81 11.61
N VAL A 463 19.63 -11.65 11.66
CA VAL A 463 20.26 -12.14 10.46
C VAL A 463 19.90 -13.61 10.28
N LYS A 464 20.05 -14.10 9.06
CA LYS A 464 19.65 -15.45 8.70
C LYS A 464 20.77 -16.02 7.85
N ASN A 465 21.70 -16.74 8.49
CA ASN A 465 22.86 -17.32 7.85
C ASN A 465 23.07 -18.69 8.44
N LYS A 466 23.91 -19.50 7.79
CA LYS A 466 24.21 -20.83 8.29
C LYS A 466 25.01 -20.75 9.58
N LYS A 467 24.60 -21.54 10.57
CA LYS A 467 25.24 -21.57 11.87
C LYS A 467 25.84 -22.95 12.12
N ARG A 468 27.12 -22.97 12.46
CA ARG A 468 27.81 -24.23 12.71
C ARG A 468 27.71 -24.64 14.18
N THR A 572 17.87 -27.21 -6.65
CA THR A 572 19.21 -27.23 -7.22
C THR A 572 19.24 -26.52 -8.57
N THR A 573 18.91 -27.26 -9.62
CA THR A 573 18.86 -26.66 -10.96
C THR A 573 17.67 -25.73 -11.10
N ASP A 574 16.61 -25.96 -10.33
CA ASP A 574 15.45 -25.10 -10.32
C ASP A 574 15.50 -24.05 -9.21
N GLU A 575 16.27 -24.31 -8.15
CA GLU A 575 16.42 -23.35 -7.06
C GLU A 575 17.29 -22.16 -7.41
N GLY A 576 17.84 -22.10 -8.61
CA GLY A 576 18.77 -21.03 -8.91
C GLY A 576 20.11 -21.32 -8.26
N THR A 577 20.84 -20.26 -7.99
CA THR A 577 22.15 -20.38 -7.39
C THR A 577 22.11 -20.41 -5.87
N ALA A 578 20.94 -20.54 -5.26
CA ALA A 578 20.83 -20.54 -3.81
C ALA A 578 20.98 -21.92 -3.22
N SER A 579 21.58 -22.87 -3.93
CA SER A 579 21.81 -24.21 -3.40
C SER A 579 23.27 -24.53 -3.19
N SER A 580 24.19 -23.79 -3.82
CA SER A 580 25.63 -23.97 -3.60
C SER A 580 26.16 -22.97 -2.59
N GLU A 581 25.58 -22.98 -1.39
CA GLU A 581 26.03 -22.09 -0.34
C GLU A 581 27.27 -22.65 0.33
N VAL A 582 27.97 -21.79 1.06
CA VAL A 582 29.23 -22.13 1.70
C VAL A 582 28.99 -22.30 3.19
N ASN A 583 29.71 -23.24 3.81
CA ASN A 583 29.68 -23.41 5.25
C ASN A 583 30.22 -22.17 5.97
N ALA A 584 29.91 -22.08 7.26
CA ALA A 584 30.16 -20.88 8.03
C ALA A 584 31.56 -20.87 8.61
N THR A 585 31.88 -19.76 9.26
CA THR A 585 33.09 -19.62 10.06
C THR A 585 32.67 -19.29 11.50
N GLU A 586 33.64 -19.30 12.41
CA GLU A 586 33.32 -19.05 13.81
C GLU A 586 33.07 -17.57 14.11
N GLU A 587 33.27 -16.67 13.13
CA GLU A 587 33.01 -15.26 13.32
C GLU A 587 31.62 -14.87 12.85
N MET A 588 31.25 -15.28 11.64
CA MET A 588 29.95 -14.91 11.09
C MET A 588 28.82 -15.75 11.62
N SER A 589 29.10 -16.82 12.35
CA SER A 589 28.07 -17.65 12.95
C SER A 589 27.80 -17.31 14.40
N THR A 590 28.32 -16.18 14.87
CA THR A 590 27.93 -15.67 16.18
C THR A 590 26.64 -14.87 16.09
N LEU A 591 26.41 -14.22 14.95
CA LEU A 591 25.29 -13.32 14.78
C LEU A 591 23.97 -14.07 14.59
N VAL A 592 24.02 -15.34 14.19
CA VAL A 592 22.83 -16.13 13.92
C VAL A 592 22.35 -16.72 15.23
N ASN A 593 21.23 -16.23 15.76
CA ASN A 593 20.68 -16.77 16.99
C ASN A 593 19.27 -17.32 16.85
N TYR A 594 18.33 -16.54 16.33
CA TYR A 594 16.93 -16.94 16.39
C TYR A 594 16.39 -17.52 15.09
N ILE A 595 16.81 -17.01 13.95
CA ILE A 595 16.29 -17.45 12.66
C ILE A 595 17.47 -18.04 11.89
N GLU A 596 17.60 -19.37 11.96
CA GLU A 596 18.73 -20.08 11.37
C GLU A 596 18.21 -21.09 10.35
N PRO A 597 18.65 -21.03 9.09
CA PRO A 597 18.15 -21.98 8.10
C PRO A 597 18.74 -23.36 8.29
N VAL A 598 17.99 -24.37 7.87
CA VAL A 598 18.40 -25.76 7.99
C VAL A 598 17.77 -26.53 6.85
N LYS A 599 18.46 -27.57 6.37
CA LYS A 599 17.89 -28.37 5.29
C LYS A 599 16.72 -29.19 5.81
N PHE A 600 15.71 -29.34 4.96
CA PHE A 600 14.42 -29.89 5.36
C PHE A 600 14.35 -31.36 4.97
N LYS A 601 14.15 -32.22 5.96
CA LYS A 601 14.08 -33.66 5.73
C LYS A 601 12.65 -34.16 5.65
N SER A 602 11.86 -33.95 6.70
CA SER A 602 10.49 -34.41 6.75
C SER A 602 9.71 -33.53 7.69
N PHE A 603 8.42 -33.85 7.87
CA PHE A 603 7.56 -33.10 8.78
C PHE A 603 7.47 -33.72 10.16
N GLU A 604 7.28 -35.04 10.23
CA GLU A 604 7.28 -35.71 11.53
C GLU A 604 8.68 -35.76 12.12
N ALA A 605 9.70 -35.81 11.26
CA ALA A 605 11.08 -35.82 11.74
C ALA A 605 11.47 -34.46 12.30
N ALA A 606 11.05 -33.38 11.65
CA ALA A 606 11.30 -32.05 12.18
C ALA A 606 10.28 -31.62 13.22
N ARG A 607 9.24 -32.41 13.45
CA ARG A 607 8.29 -32.13 14.51
C ARG A 607 8.64 -32.84 15.80
N LYS A 608 9.25 -34.03 15.72
CA LYS A 608 9.79 -34.65 16.92
C LYS A 608 11.04 -33.95 17.43
N ARG A 609 11.73 -33.20 16.57
CA ARG A 609 12.95 -32.50 16.98
C ARG A 609 12.62 -31.34 17.93
N ASN A 610 11.48 -30.69 17.72
CA ASN A 610 10.86 -29.72 18.63
C ASN A 610 11.71 -28.47 18.85
N LYS A 611 12.63 -28.16 17.95
CA LYS A 611 13.41 -26.93 18.06
C LYS A 611 12.68 -25.84 17.28
N CYS A 612 12.15 -24.86 18.00
CA CYS A 612 11.31 -23.85 17.38
C CYS A 612 12.11 -22.82 16.60
N PHE A 613 13.38 -22.65 16.91
CA PHE A 613 14.18 -21.60 16.27
C PHE A 613 14.75 -22.02 14.92
N GLU A 614 14.42 -23.20 14.42
CA GLU A 614 14.81 -23.56 13.06
C GLU A 614 13.89 -22.87 12.06
N MET A 615 14.28 -22.91 10.79
CA MET A 615 13.44 -22.48 9.68
C MET A 615 13.98 -23.09 8.40
N SER A 616 13.12 -23.20 7.40
CA SER A 616 13.47 -23.87 6.16
C SER A 616 13.08 -23.02 4.97
N SER A 617 13.93 -23.01 3.95
CA SER A 617 13.67 -22.27 2.73
C SER A 617 13.31 -23.23 1.61
N PHE A 618 12.14 -23.02 1.01
CA PHE A 618 11.67 -23.81 -0.11
C PHE A 618 11.83 -23.02 -1.40
N VAL A 619 11.69 -23.71 -2.52
CA VAL A 619 11.48 -23.08 -3.79
C VAL A 619 10.00 -23.28 -4.11
N GLU A 620 9.53 -22.59 -5.15
CA GLU A 620 8.10 -22.56 -5.45
C GLU A 620 7.55 -23.93 -5.82
N THR A 621 8.32 -24.70 -6.59
CA THR A 621 7.81 -25.97 -7.10
C THR A 621 7.80 -27.04 -6.01
N LYS A 622 8.84 -27.07 -5.16
CA LYS A 622 8.85 -28.00 -4.04
C LYS A 622 7.78 -27.64 -3.02
N ALA A 623 7.49 -26.35 -2.86
CA ALA A 623 6.42 -25.95 -1.97
C ALA A 623 5.06 -26.32 -2.55
N MET A 624 4.91 -26.27 -3.88
CA MET A 624 3.67 -26.70 -4.50
C MET A 624 3.46 -28.21 -4.35
N GLU A 625 4.55 -28.98 -4.47
CA GLU A 625 4.49 -30.42 -4.21
C GLU A 625 4.12 -30.72 -2.76
N GLN A 626 4.71 -29.98 -1.81
CA GLN A 626 4.41 -30.20 -0.41
C GLN A 626 3.00 -29.75 -0.05
N LEU A 627 2.47 -28.76 -0.76
CA LEU A 627 1.11 -28.29 -0.51
C LEU A 627 0.10 -29.27 -1.07
N THR A 628 0.35 -29.79 -2.29
CA THR A 628 -0.58 -30.72 -2.89
C THR A 628 -0.55 -32.07 -2.19
N LYS A 629 0.61 -32.47 -1.68
CA LYS A 629 0.72 -33.80 -1.07
C LYS A 629 0.09 -33.82 0.32
N SER A 630 0.62 -33.03 1.25
CA SER A 630 0.21 -33.10 2.65
C SER A 630 -0.02 -31.71 3.22
N PRO A 631 -1.22 -31.17 3.09
CA PRO A 631 -1.45 -29.78 3.55
C PRO A 631 -1.62 -29.65 5.04
N MET A 632 -2.25 -30.63 5.71
CA MET A 632 -2.50 -30.50 7.14
C MET A 632 -1.22 -30.56 7.95
N GLU A 633 -0.26 -31.38 7.51
CA GLU A 633 1.04 -31.41 8.18
C GLU A 633 1.81 -30.13 7.92
N PHE A 634 1.57 -29.49 6.78
CA PHE A 634 2.20 -28.20 6.50
C PHE A 634 1.65 -27.13 7.44
N VAL A 635 0.33 -27.14 7.67
CA VAL A 635 -0.29 -26.19 8.58
C VAL A 635 0.19 -26.44 10.02
N GLU A 636 0.28 -27.70 10.42
CA GLU A 636 0.77 -28.03 11.76
C GLU A 636 2.24 -27.71 11.93
N TYR A 637 3.00 -27.73 10.83
CA TYR A 637 4.38 -27.26 10.88
C TYR A 637 4.43 -25.75 11.08
N ASN A 638 3.53 -25.02 10.41
CA ASN A 638 3.60 -23.57 10.44
C ASN A 638 3.05 -22.94 11.71
N LYS A 639 2.52 -23.72 12.64
CA LYS A 639 2.08 -23.13 13.90
C LYS A 639 3.24 -22.82 14.82
N GLN A 640 4.40 -23.43 14.60
CA GLN A 640 5.52 -23.30 15.53
C GLN A 640 6.74 -22.66 14.91
N GLN A 641 7.15 -23.05 13.71
CA GLN A 641 8.39 -22.59 13.12
C GLN A 641 8.12 -21.69 11.91
N LEU A 642 9.17 -21.04 11.44
CA LEU A 642 9.11 -20.16 10.28
C LEU A 642 9.43 -20.93 9.00
N SER A 643 8.94 -20.42 7.88
CA SER A 643 9.09 -21.12 6.60
C SER A 643 9.01 -20.10 5.48
N ARG A 644 10.09 -19.94 4.74
CA ARG A 644 10.21 -18.93 3.69
C ARG A 644 10.19 -19.59 2.32
N ILE A 645 9.48 -18.98 1.37
CA ILE A 645 9.33 -19.49 0.02
C ILE A 645 9.72 -18.41 -0.98
N TYR A 646 10.59 -18.74 -1.92
CA TYR A 646 10.97 -17.82 -2.98
C TYR A 646 10.57 -18.40 -4.33
N PRO A 647 10.39 -17.56 -5.36
CA PRO A 647 10.05 -18.08 -6.68
C PRO A 647 11.18 -18.86 -7.31
N LYS A 648 10.85 -19.58 -8.38
CA LYS A 648 11.77 -20.54 -8.97
C LYS A 648 12.77 -19.82 -9.87
N GLY A 649 13.63 -20.59 -10.54
CA GLY A 649 14.69 -20.02 -11.34
C GLY A 649 14.36 -19.96 -12.81
N THR A 650 13.29 -20.66 -13.20
CA THR A 650 12.80 -20.59 -14.57
C THR A 650 12.32 -19.17 -14.92
N ARG A 651 11.78 -18.45 -13.95
CA ARG A 651 11.27 -17.11 -14.17
C ARG A 651 12.41 -16.12 -14.36
N VAL A 652 12.87 -15.98 -15.61
CA VAL A 652 13.95 -15.05 -15.92
C VAL A 652 13.45 -13.65 -16.21
N ASP A 653 12.13 -13.45 -16.33
CA ASP A 653 11.57 -12.14 -16.60
C ASP A 653 10.93 -11.52 -15.37
N SER A 654 11.24 -12.08 -14.19
CA SER A 654 10.77 -11.61 -12.89
C SER A 654 9.24 -11.57 -12.81
N SER A 655 8.65 -12.75 -12.95
CA SER A 655 7.22 -12.91 -12.76
C SER A 655 6.93 -13.17 -11.28
N ASN A 656 5.68 -13.47 -10.97
CA ASN A 656 5.28 -13.70 -9.59
C ASN A 656 4.21 -14.77 -9.52
N TYR A 657 4.41 -15.74 -8.64
CA TYR A 657 3.35 -16.67 -8.32
C TYR A 657 2.31 -15.98 -7.45
N MET A 658 1.14 -16.57 -7.34
CA MET A 658 0.13 -15.98 -6.47
C MET A 658 0.43 -16.35 -5.02
N PRO A 659 0.70 -15.37 -4.15
CA PRO A 659 1.14 -15.72 -2.79
C PRO A 659 0.05 -16.27 -1.90
N GLN A 660 -1.21 -16.23 -2.34
CA GLN A 660 -2.29 -16.79 -1.55
C GLN A 660 -2.18 -18.31 -1.46
N LEU A 661 -1.54 -18.94 -2.45
CA LEU A 661 -1.33 -20.38 -2.48
C LEU A 661 -0.56 -20.86 -1.26
N PHE A 662 0.33 -20.03 -0.73
CA PHE A 662 1.08 -20.39 0.46
C PHE A 662 0.67 -19.61 1.69
N TRP A 663 -0.10 -18.53 1.54
CA TRP A 663 -0.72 -17.95 2.72
C TRP A 663 -1.86 -18.82 3.24
N ASN A 664 -2.42 -19.68 2.39
CA ASN A 664 -3.50 -20.55 2.82
C ASN A 664 -3.03 -21.57 3.86
N VAL A 665 -1.79 -22.01 3.77
CA VAL A 665 -1.26 -22.99 4.72
C VAL A 665 -0.32 -22.35 5.74
N GLY A 666 -0.40 -21.03 5.91
CA GLY A 666 0.27 -20.39 7.02
C GLY A 666 1.75 -20.15 6.85
N CYS A 667 2.25 -20.10 5.63
CA CYS A 667 3.63 -19.67 5.42
C CYS A 667 3.77 -18.19 5.75
N GLN A 668 4.84 -17.86 6.46
CA GLN A 668 5.01 -16.52 6.99
C GLN A 668 5.78 -15.60 6.08
N LEU A 669 6.82 -16.08 5.41
CA LEU A 669 7.68 -15.23 4.60
C LEU A 669 7.55 -15.65 3.15
N VAL A 670 6.54 -15.15 2.47
CA VAL A 670 6.29 -15.50 1.08
C VAL A 670 6.96 -14.41 0.24
N ALA A 671 8.17 -14.70 -0.21
CA ALA A 671 8.97 -13.69 -0.88
C ALA A 671 8.50 -13.47 -2.31
N LEU A 672 8.54 -12.22 -2.74
CA LEU A 672 8.03 -11.82 -4.05
C LEU A 672 9.09 -10.98 -4.76
N ASN A 673 8.75 -10.53 -5.96
CA ASN A 673 9.61 -9.69 -6.78
C ASN A 673 9.04 -8.27 -6.82
N PHE A 674 9.72 -7.33 -6.18
CA PHE A 674 9.19 -5.98 -6.04
C PHE A 674 9.38 -5.13 -7.29
N GLN A 675 10.08 -5.61 -8.31
CA GLN A 675 10.37 -4.76 -9.46
C GLN A 675 9.20 -4.66 -10.41
N THR A 676 8.41 -5.71 -10.54
CA THR A 676 7.29 -5.76 -11.46
C THR A 676 6.00 -5.92 -10.68
N LEU A 677 4.99 -5.12 -11.03
CA LEU A 677 3.74 -5.05 -10.30
C LEU A 677 2.64 -5.68 -11.15
N ASP A 678 2.54 -7.00 -11.06
CA ASP A 678 1.42 -7.76 -11.59
C ASP A 678 0.35 -7.93 -10.51
N VAL A 679 -0.56 -8.88 -10.70
CA VAL A 679 -1.68 -9.03 -9.78
C VAL A 679 -1.22 -9.56 -8.43
N ALA A 680 -0.12 -10.33 -8.42
CA ALA A 680 0.40 -10.84 -7.16
C ALA A 680 1.01 -9.74 -6.30
N MET A 681 1.82 -8.87 -6.92
CA MET A 681 2.40 -7.76 -6.18
C MET A 681 1.36 -6.73 -5.80
N GLN A 682 0.33 -6.56 -6.64
CA GLN A 682 -0.78 -5.69 -6.29
C GLN A 682 -1.53 -6.21 -5.06
N LEU A 683 -1.75 -7.52 -5.01
CA LEU A 683 -2.42 -8.11 -3.85
C LEU A 683 -1.56 -8.02 -2.60
N ASN A 684 -0.25 -8.21 -2.74
CA ASN A 684 0.64 -8.15 -1.58
C ASN A 684 0.72 -6.75 -1.00
N ALA A 685 0.97 -5.75 -1.85
CA ALA A 685 1.03 -4.36 -1.40
C ALA A 685 -0.31 -3.85 -0.91
N GLY A 686 -1.41 -4.43 -1.40
CA GLY A 686 -2.71 -4.02 -0.93
C GLY A 686 -3.08 -4.63 0.41
N VAL A 687 -2.67 -5.88 0.65
CA VAL A 687 -3.10 -6.53 1.88
C VAL A 687 -2.17 -6.22 3.04
N PHE A 688 -0.93 -5.78 2.79
CA PHE A 688 -0.09 -5.37 3.89
C PHE A 688 -0.20 -3.88 4.20
N GLU A 689 -1.16 -3.18 3.59
CA GLU A 689 -1.38 -1.78 3.91
C GLU A 689 -2.04 -1.61 5.27
N TYR A 690 -2.92 -2.52 5.64
CA TYR A 690 -3.58 -2.46 6.94
C TYR A 690 -2.61 -2.85 8.05
N ASN A 691 -3.11 -2.78 9.28
CA ASN A 691 -2.31 -2.84 10.51
C ASN A 691 -1.21 -1.78 10.48
N GLY A 692 -1.61 -0.56 10.12
CA GLY A 692 -0.75 0.61 10.22
C GLY A 692 0.49 0.61 9.36
N ARG A 693 0.49 -0.15 8.25
CA ARG A 693 1.64 -0.44 7.40
C ARG A 693 2.81 -0.99 8.19
N SER A 694 2.55 -1.78 9.23
CA SER A 694 3.64 -2.25 10.05
C SER A 694 4.40 -3.38 9.40
N GLY A 695 3.79 -4.08 8.45
CA GLY A 695 4.41 -5.23 7.85
C GLY A 695 4.13 -6.53 8.55
N TYR A 696 3.20 -6.56 9.50
CA TYR A 696 2.87 -7.78 10.23
C TYR A 696 1.36 -7.90 10.32
N LEU A 697 0.82 -9.00 9.82
CA LEU A 697 -0.59 -9.32 9.95
C LEU A 697 -0.73 -10.59 10.77
N LEU A 698 -1.76 -10.65 11.60
CA LEU A 698 -1.99 -11.81 12.45
C LEU A 698 -2.74 -12.88 11.70
N LYS A 699 -2.31 -14.13 11.86
CA LYS A 699 -3.03 -15.25 11.27
C LYS A 699 -4.32 -15.50 12.03
N PRO A 700 -5.33 -16.09 11.39
CA PRO A 700 -6.58 -16.38 12.10
C PRO A 700 -6.42 -17.44 13.19
N GLU A 701 -7.48 -17.58 13.99
CA GLU A 701 -7.39 -18.30 15.26
C GLU A 701 -7.16 -19.79 15.06
N PHE A 702 -7.67 -20.34 13.96
CA PHE A 702 -7.53 -21.78 13.79
C PHE A 702 -6.22 -22.19 13.15
N MET A 703 -5.29 -21.26 12.90
CA MET A 703 -3.99 -21.61 12.35
C MET A 703 -2.85 -21.22 13.28
N ARG A 704 -3.12 -20.87 14.54
CA ARG A 704 -2.05 -20.64 15.49
C ARG A 704 -2.37 -21.20 16.87
N ARG A 705 -3.50 -21.87 17.05
CA ARG A 705 -3.76 -22.58 18.28
C ARG A 705 -3.49 -24.07 18.10
N PRO A 706 -2.83 -24.73 19.05
CA PRO A 706 -2.37 -26.10 18.82
C PRO A 706 -3.41 -27.18 19.12
N ASP A 707 -4.61 -26.80 19.56
CA ASP A 707 -5.66 -27.79 19.79
C ASP A 707 -6.69 -27.86 18.68
N LYS A 708 -6.83 -26.81 17.88
CA LYS A 708 -7.77 -26.85 16.77
C LYS A 708 -7.06 -27.33 15.52
N SER A 709 -7.85 -27.86 14.59
CA SER A 709 -7.30 -28.40 13.35
C SER A 709 -8.35 -28.32 12.26
N PHE A 710 -7.91 -28.02 11.04
CA PHE A 710 -8.82 -27.97 9.91
C PHE A 710 -8.03 -28.22 8.64
N ASP A 711 -8.72 -28.65 7.62
CA ASP A 711 -8.13 -28.90 6.32
C ASP A 711 -8.22 -27.64 5.47
N PRO A 712 -7.14 -27.22 4.82
CA PRO A 712 -7.23 -26.01 3.98
C PRO A 712 -7.97 -26.22 2.68
N PHE A 713 -8.22 -27.47 2.30
CA PHE A 713 -8.92 -27.80 1.07
C PHE A 713 -10.38 -28.15 1.31
N THR A 714 -10.95 -27.68 2.41
CA THR A 714 -12.33 -28.04 2.74
C THR A 714 -13.30 -27.35 1.81
N GLU A 715 -14.49 -27.93 1.69
CA GLU A 715 -15.54 -27.39 0.85
C GLU A 715 -16.84 -27.14 1.59
N VAL A 716 -16.98 -27.63 2.82
CA VAL A 716 -18.09 -27.27 3.68
C VAL A 716 -17.55 -26.39 4.79
N ILE A 717 -18.47 -25.85 5.60
CA ILE A 717 -18.08 -24.92 6.65
C ILE A 717 -17.32 -25.63 7.75
N VAL A 718 -16.38 -24.93 8.36
CA VAL A 718 -15.53 -25.47 9.40
C VAL A 718 -16.14 -25.12 10.74
N ASP A 719 -16.22 -26.10 11.64
CA ASP A 719 -16.82 -25.90 12.94
C ASP A 719 -15.97 -24.96 13.79
N GLY A 720 -16.64 -24.05 14.49
CA GLY A 720 -15.95 -23.08 15.31
C GLY A 720 -15.52 -21.83 14.60
N ILE A 721 -15.78 -21.72 13.29
CA ILE A 721 -15.48 -20.52 12.51
C ILE A 721 -16.78 -20.02 11.92
N VAL A 722 -17.13 -18.78 12.21
CA VAL A 722 -18.37 -18.21 11.71
C VAL A 722 -18.17 -17.76 10.27
N ALA A 723 -18.94 -18.35 9.36
CA ALA A 723 -18.82 -18.02 7.95
C ALA A 723 -19.52 -16.69 7.64
N ASN A 724 -19.26 -16.17 6.45
CA ASN A 724 -19.91 -14.96 5.95
C ASN A 724 -20.54 -15.25 4.59
N ALA A 725 -21.30 -14.27 4.11
CA ALA A 725 -21.95 -14.35 2.81
C ALA A 725 -22.07 -12.94 2.26
N LEU A 726 -21.34 -12.66 1.19
CA LEU A 726 -21.19 -11.32 0.66
C LEU A 726 -21.93 -11.19 -0.66
N ARG A 727 -22.35 -9.97 -0.98
CA ARG A 727 -23.05 -9.69 -2.23
C ARG A 727 -22.70 -8.28 -2.70
N VAL A 728 -22.07 -8.17 -3.85
CA VAL A 728 -21.53 -6.92 -4.37
C VAL A 728 -22.26 -6.55 -5.65
N LYS A 729 -22.70 -5.30 -5.73
CA LYS A 729 -23.41 -4.80 -6.91
C LYS A 729 -22.84 -3.44 -7.27
N VAL A 730 -22.28 -3.32 -8.46
CA VAL A 730 -21.68 -2.06 -8.92
C VAL A 730 -22.76 -1.17 -9.49
N ILE A 731 -22.75 0.10 -9.10
CA ILE A 731 -23.77 1.06 -9.52
C ILE A 731 -23.27 1.94 -10.67
N SER A 732 -22.23 2.72 -10.42
CA SER A 732 -21.80 3.70 -11.41
C SER A 732 -20.34 4.04 -11.18
N GLY A 733 -19.88 5.11 -11.82
CA GLY A 733 -18.49 5.54 -11.72
C GLY A 733 -18.38 6.97 -12.18
N GLN A 734 -17.27 7.60 -11.79
CA GLN A 734 -17.09 9.03 -12.02
C GLN A 734 -15.66 9.34 -12.41
N PHE A 735 -15.50 10.09 -13.50
CA PHE A 735 -14.23 10.70 -13.94
C PHE A 735 -13.13 9.66 -14.15
N LEU A 736 -13.50 8.54 -14.75
CA LEU A 736 -12.62 7.39 -14.81
C LEU A 736 -11.49 7.51 -15.81
N SER A 737 -11.52 8.50 -16.71
CA SER A 737 -10.46 8.65 -17.70
C SER A 737 -10.44 10.08 -18.19
N ASP A 738 -9.64 10.31 -19.23
CA ASP A 738 -9.50 11.62 -19.86
C ASP A 738 -9.65 11.54 -21.37
N ARG A 739 -10.48 10.62 -21.85
CA ARG A 739 -10.77 10.43 -23.26
C ARG A 739 -12.05 9.62 -23.39
N LYS A 740 -12.71 9.72 -24.54
CA LYS A 740 -13.93 8.95 -24.80
C LYS A 740 -13.54 7.50 -25.04
N VAL A 741 -13.75 6.66 -24.03
CA VAL A 741 -13.42 5.24 -24.13
C VAL A 741 -14.29 4.49 -23.14
N GLY A 742 -14.64 3.25 -23.48
CA GLY A 742 -15.46 2.44 -22.60
C GLY A 742 -14.74 2.04 -21.33
N ILE A 743 -15.51 1.57 -20.36
CA ILE A 743 -15.00 1.21 -19.04
C ILE A 743 -15.77 -0.02 -18.56
N TYR A 744 -15.04 -1.03 -18.09
CA TYR A 744 -15.68 -2.15 -17.41
C TYR A 744 -14.95 -2.42 -16.10
N VAL A 745 -15.65 -3.06 -15.18
CA VAL A 745 -15.22 -3.21 -13.79
C VAL A 745 -15.20 -4.68 -13.44
N GLU A 746 -14.10 -5.14 -12.86
CA GLU A 746 -13.92 -6.51 -12.42
C GLU A 746 -14.08 -6.61 -10.90
N VAL A 747 -14.55 -7.77 -10.45
CA VAL A 747 -14.70 -8.06 -9.03
C VAL A 747 -14.15 -9.46 -8.81
N ASP A 748 -13.10 -9.57 -8.02
CA ASP A 748 -12.46 -10.84 -7.73
C ASP A 748 -12.43 -11.05 -6.22
N MET A 749 -12.34 -12.30 -5.81
CA MET A 749 -12.17 -12.62 -4.39
C MET A 749 -11.08 -13.68 -4.27
N PHE A 750 -10.06 -13.39 -3.48
CA PHE A 750 -9.03 -14.36 -3.16
C PHE A 750 -9.35 -14.99 -1.82
N GLY A 751 -8.60 -16.02 -1.46
CA GLY A 751 -8.88 -16.68 -0.19
C GLY A 751 -8.56 -18.16 -0.27
N LEU A 752 -9.33 -18.94 0.48
CA LEU A 752 -9.21 -20.39 0.43
C LEU A 752 -9.64 -20.89 -0.94
N PRO A 753 -9.15 -22.06 -1.38
CA PRO A 753 -9.46 -22.51 -2.75
C PRO A 753 -10.90 -22.91 -2.99
N VAL A 754 -11.75 -22.92 -1.97
CA VAL A 754 -13.18 -23.00 -2.18
C VAL A 754 -13.80 -21.62 -2.37
N ASP A 755 -13.16 -20.58 -1.81
CA ASP A 755 -13.71 -19.23 -1.85
C ASP A 755 -13.25 -18.42 -3.05
N THR A 756 -12.13 -18.79 -3.67
CA THR A 756 -11.56 -17.99 -4.74
C THR A 756 -12.38 -18.08 -6.02
N ARG A 757 -13.15 -17.03 -6.31
CA ARG A 757 -13.87 -16.90 -7.56
C ARG A 757 -13.36 -15.63 -8.24
N ARG A 758 -12.71 -15.77 -9.38
CA ARG A 758 -12.17 -14.61 -10.08
C ARG A 758 -12.63 -14.61 -11.55
N LYS A 759 -13.93 -14.83 -11.75
CA LYS A 759 -14.51 -14.84 -13.08
C LYS A 759 -15.39 -13.63 -13.40
N TYR A 760 -15.83 -12.88 -12.39
CA TYR A 760 -16.93 -11.95 -12.58
C TYR A 760 -16.48 -10.67 -13.25
N ARG A 761 -17.43 -10.01 -13.91
CA ARG A 761 -17.17 -8.87 -14.78
C ARG A 761 -18.49 -8.18 -15.07
N THR A 762 -18.42 -6.93 -15.47
CA THR A 762 -19.60 -6.21 -15.93
C THR A 762 -19.52 -5.98 -17.43
N ARG A 763 -20.65 -5.63 -18.03
CA ARG A 763 -20.63 -5.32 -19.45
C ARG A 763 -19.96 -3.97 -19.67
N THR A 764 -19.41 -3.79 -20.88
CA THR A 764 -18.65 -2.59 -21.17
C THR A 764 -19.58 -1.43 -21.47
N SER A 765 -19.35 -0.30 -20.81
CA SER A 765 -20.10 0.90 -21.14
C SER A 765 -19.62 1.45 -22.48
N GLN A 766 -20.47 2.28 -23.10
CA GLN A 766 -20.29 2.58 -24.52
C GLN A 766 -19.18 3.57 -24.76
N GLY A 767 -19.38 4.81 -24.34
CA GLY A 767 -18.36 5.83 -24.52
C GLY A 767 -18.29 6.71 -23.31
N ASN A 768 -18.71 6.15 -22.18
CA ASN A 768 -18.90 6.91 -20.95
C ASN A 768 -17.74 6.64 -20.01
N SER A 769 -16.71 7.47 -20.12
CA SER A 769 -15.68 7.52 -19.08
C SER A 769 -15.86 8.75 -18.20
N PHE A 770 -17.06 9.24 -18.11
CA PHE A 770 -17.35 10.44 -17.34
C PHE A 770 -18.42 10.23 -16.29
N ASN A 771 -19.48 9.50 -16.60
CA ASN A 771 -20.43 9.02 -15.60
C ASN A 771 -21.16 7.76 -16.06
N PRO A 772 -20.49 6.63 -16.27
CA PRO A 772 -21.20 5.45 -16.76
C PRO A 772 -22.04 4.82 -15.66
N VAL A 773 -23.16 4.25 -16.06
CA VAL A 773 -24.06 3.57 -15.14
C VAL A 773 -24.25 2.14 -15.62
N TRP A 774 -23.86 1.18 -14.78
CA TRP A 774 -24.11 -0.23 -15.03
C TRP A 774 -25.44 -0.64 -14.39
N ASP A 775 -26.08 -1.65 -14.98
CA ASP A 775 -27.37 -2.10 -14.45
C ASP A 775 -27.50 -3.59 -14.75
N GLU A 776 -27.13 -4.41 -13.77
CA GLU A 776 -27.29 -5.86 -13.85
C GLU A 776 -27.40 -6.42 -12.45
N GLU A 777 -27.47 -7.74 -12.37
CA GLU A 777 -27.60 -8.44 -11.10
C GLU A 777 -26.30 -8.38 -10.32
N PRO A 778 -26.35 -8.49 -9.00
CA PRO A 778 -25.13 -8.47 -8.20
C PRO A 778 -24.29 -9.73 -8.39
N PHE A 779 -23.08 -9.68 -7.84
CA PHE A 779 -22.17 -10.81 -7.82
C PHE A 779 -22.28 -11.47 -6.46
N ASP A 780 -22.67 -12.75 -6.44
CA ASP A 780 -22.86 -13.46 -5.18
C ASP A 780 -21.64 -14.30 -4.85
N PHE A 781 -21.12 -14.11 -3.64
CA PHE A 781 -20.16 -15.00 -3.02
C PHE A 781 -20.87 -15.62 -1.81
N PRO A 782 -21.68 -16.66 -2.02
CA PRO A 782 -22.65 -17.05 -1.01
C PRO A 782 -22.13 -17.93 0.11
N LYS A 783 -20.89 -18.42 0.04
CA LYS A 783 -20.38 -19.27 1.11
C LYS A 783 -18.88 -19.01 1.22
N VAL A 784 -18.50 -18.11 2.13
CA VAL A 784 -17.12 -17.81 2.41
C VAL A 784 -16.76 -18.58 3.67
N VAL A 785 -15.90 -19.60 3.53
CA VAL A 785 -15.62 -20.50 4.65
C VAL A 785 -14.78 -19.80 5.70
N LEU A 786 -13.59 -19.34 5.33
CA LEU A 786 -12.74 -18.59 6.25
C LEU A 786 -12.80 -17.11 5.86
N PRO A 787 -13.51 -16.28 6.58
CA PRO A 787 -13.74 -14.91 6.11
C PRO A 787 -12.64 -13.94 6.49
N THR A 788 -11.84 -14.26 7.49
CA THR A 788 -10.77 -13.36 7.91
C THR A 788 -9.47 -13.60 7.15
N LEU A 789 -9.55 -14.25 6.00
CA LEU A 789 -8.44 -14.37 5.07
C LEU A 789 -8.79 -13.92 3.67
N ALA A 790 -10.07 -13.82 3.32
CA ALA A 790 -10.50 -13.40 1.99
C ALA A 790 -10.23 -11.91 1.78
N SER A 791 -9.99 -11.55 0.51
CA SER A 791 -9.63 -10.17 0.17
C SER A 791 -10.36 -9.80 -1.11
N LEU A 792 -11.35 -8.92 -1.01
CA LEU A 792 -12.08 -8.48 -2.18
C LEU A 792 -11.24 -7.54 -3.02
N ARG A 793 -11.40 -7.63 -4.34
CA ARG A 793 -10.50 -6.95 -5.26
C ARG A 793 -11.30 -6.32 -6.38
N ILE A 794 -11.66 -5.07 -6.23
CA ILE A 794 -12.37 -4.31 -7.25
C ILE A 794 -11.35 -3.66 -8.16
N ALA A 795 -11.56 -3.72 -9.47
CA ALA A 795 -10.63 -3.17 -10.44
C ALA A 795 -11.36 -2.73 -11.68
N ALA A 796 -10.96 -1.59 -12.24
CA ALA A 796 -11.61 -0.99 -13.40
C ALA A 796 -10.61 -0.86 -14.53
N PHE A 797 -11.02 -1.28 -15.72
CA PHE A 797 -10.17 -1.27 -16.89
C PHE A 797 -10.83 -0.49 -18.03
N GLU A 798 -10.02 0.09 -18.90
CA GLU A 798 -10.56 0.64 -20.14
C GLU A 798 -10.79 -0.49 -21.14
N GLU A 799 -11.43 -0.16 -22.25
CA GLU A 799 -11.70 -1.16 -23.28
C GLU A 799 -10.42 -1.55 -23.99
N GLY A 800 -10.10 -2.83 -23.95
CA GLY A 800 -8.86 -3.32 -24.50
C GLY A 800 -7.82 -3.75 -23.49
N GLY A 801 -7.90 -3.26 -22.25
CA GLY A 801 -7.00 -3.73 -21.20
C GLY A 801 -6.15 -2.66 -20.56
N LYS A 802 -6.37 -1.38 -20.85
CA LYS A 802 -5.63 -0.32 -20.18
C LYS A 802 -6.10 -0.20 -18.74
N PHE A 803 -5.14 -0.13 -17.82
CA PHE A 803 -5.42 -0.12 -16.40
C PHE A 803 -5.84 1.27 -15.96
N VAL A 804 -6.89 1.34 -15.14
CA VAL A 804 -7.35 2.59 -14.55
C VAL A 804 -7.05 2.63 -13.05
N GLY A 805 -7.64 1.72 -12.29
CA GLY A 805 -7.43 1.71 -10.86
C GLY A 805 -7.92 0.43 -10.24
N HIS A 806 -7.47 0.18 -9.01
CA HIS A 806 -7.93 -0.99 -8.26
C HIS A 806 -7.99 -0.60 -6.79
N ARG A 807 -8.50 -1.53 -5.97
CA ARG A 807 -8.70 -1.28 -4.54
C ARG A 807 -8.87 -2.63 -3.85
N ILE A 808 -8.12 -2.83 -2.77
CA ILE A 808 -8.12 -4.10 -2.03
C ILE A 808 -8.84 -3.89 -0.71
N LEU A 809 -9.93 -4.61 -0.50
CA LEU A 809 -10.72 -4.51 0.72
C LEU A 809 -10.84 -5.88 1.36
N PRO A 810 -10.53 -6.04 2.65
CA PRO A 810 -10.75 -7.35 3.28
C PRO A 810 -12.20 -7.55 3.66
N VAL A 811 -12.63 -8.82 3.61
CA VAL A 811 -14.03 -9.15 3.84
C VAL A 811 -14.35 -9.14 5.33
N SER A 812 -13.32 -9.18 6.17
CA SER A 812 -13.54 -9.22 7.61
C SER A 812 -14.09 -7.90 8.14
N ALA A 813 -13.83 -6.79 7.46
CA ALA A 813 -14.24 -5.49 7.98
C ALA A 813 -14.80 -4.56 6.91
N ILE A 814 -15.48 -5.08 5.90
CA ILE A 814 -16.09 -4.21 4.91
C ILE A 814 -17.48 -3.81 5.39
N ARG A 815 -17.88 -2.58 5.06
CA ARG A 815 -19.17 -2.07 5.50
C ARG A 815 -20.25 -2.40 4.47
N SER A 816 -21.51 -2.20 4.87
CA SER A 816 -22.63 -2.54 4.02
C SER A 816 -23.40 -1.27 3.65
N GLY A 817 -24.06 -1.32 2.51
CA GLY A 817 -24.80 -0.17 2.02
C GLY A 817 -24.14 0.46 0.81
N TYR A 818 -24.58 1.67 0.50
CA TYR A 818 -24.02 2.41 -0.61
C TYR A 818 -22.79 3.19 -0.16
N HIS A 819 -21.70 3.05 -0.92
CA HIS A 819 -20.43 3.64 -0.52
C HIS A 819 -19.66 4.09 -1.74
N TYR A 820 -18.74 5.02 -1.53
CA TYR A 820 -17.81 5.44 -2.55
C TYR A 820 -16.49 4.73 -2.34
N VAL A 821 -15.95 4.15 -3.39
CA VAL A 821 -14.66 3.47 -3.38
C VAL A 821 -13.74 4.31 -4.23
N CYS A 822 -12.65 4.78 -3.64
CA CYS A 822 -11.70 5.62 -4.37
C CYS A 822 -10.54 4.76 -4.84
N LEU A 823 -10.37 4.64 -6.15
CA LEU A 823 -9.42 3.69 -6.69
C LEU A 823 -7.99 4.20 -6.54
N ARG A 824 -7.05 3.25 -6.52
CA ARG A 824 -5.63 3.49 -6.39
C ARG A 824 -4.92 3.03 -7.65
N ASN A 825 -3.68 3.47 -7.84
CA ASN A 825 -2.93 3.04 -9.00
C ASN A 825 -2.24 1.71 -8.70
N GLU A 826 -1.26 1.33 -9.53
CA GLU A 826 -0.72 -0.04 -9.45
C GLU A 826 0.07 -0.28 -8.18
N ALA A 827 0.76 0.74 -7.69
CA ALA A 827 1.60 0.61 -6.51
C ALA A 827 0.92 1.08 -5.24
N ASN A 828 -0.42 1.14 -5.23
CA ASN A 828 -1.25 1.55 -4.11
C ASN A 828 -0.91 2.96 -3.62
N GLN A 829 -0.99 3.91 -4.54
CA GLN A 829 -0.95 5.34 -4.23
C GLN A 829 -2.28 5.95 -4.64
N PRO A 830 -2.87 6.82 -3.82
CA PRO A 830 -4.25 7.24 -4.06
C PRO A 830 -4.39 8.16 -5.27
N LEU A 831 -5.27 7.77 -6.19
CA LEU A 831 -5.63 8.60 -7.32
C LEU A 831 -6.65 9.64 -6.89
N CYS A 832 -6.63 10.79 -7.56
CA CYS A 832 -7.44 11.92 -7.10
C CYS A 832 -8.89 11.80 -7.56
N LEU A 833 -9.12 11.82 -8.86
CA LEU A 833 -10.47 11.85 -9.42
C LEU A 833 -11.24 10.52 -9.49
N PRO A 834 -10.73 9.42 -10.07
CA PRO A 834 -11.63 8.29 -10.39
C PRO A 834 -12.12 7.55 -9.15
N ALA A 835 -13.42 7.28 -9.13
CA ALA A 835 -14.05 6.71 -7.95
C ALA A 835 -15.33 6.00 -8.34
N LEU A 836 -15.46 4.73 -7.98
CA LEU A 836 -16.65 3.96 -8.27
C LEU A 836 -17.70 4.20 -7.19
N LEU A 837 -18.81 3.48 -7.30
CA LEU A 837 -19.89 3.54 -6.33
C LEU A 837 -20.50 2.15 -6.25
N ILE A 838 -20.27 1.44 -5.15
CA ILE A 838 -20.72 0.06 -5.05
C ILE A 838 -21.80 -0.02 -4.00
N TYR A 839 -22.43 -1.19 -3.91
CA TYR A 839 -23.44 -1.46 -2.90
C TYR A 839 -23.22 -2.88 -2.38
N THR A 840 -22.68 -3.00 -1.17
CA THR A 840 -22.34 -4.30 -0.61
C THR A 840 -23.30 -4.67 0.50
N GLU A 841 -23.44 -5.98 0.72
CA GLU A 841 -24.28 -6.50 1.80
C GLU A 841 -23.56 -7.69 2.42
N ALA A 842 -22.93 -7.48 3.57
CA ALA A 842 -22.29 -8.54 4.31
C ALA A 842 -23.21 -9.00 5.44
N SER A 843 -23.25 -10.30 5.67
CA SER A 843 -24.12 -10.85 6.71
C SER A 843 -23.57 -12.20 7.15
N ASP A 844 -24.02 -12.64 8.32
CA ASP A 844 -23.66 -13.96 8.80
C ASP A 844 -24.35 -15.03 7.98
N TYR A 845 -23.79 -16.24 8.02
CA TYR A 845 -24.25 -17.31 7.15
C TYR A 845 -25.34 -18.13 7.81
N ILE A 846 -26.43 -18.35 7.08
CA ILE A 846 -27.53 -19.18 7.52
C ILE A 846 -27.65 -20.37 6.56
N PRO A 847 -27.44 -21.58 7.02
CA PRO A 847 -27.53 -22.74 6.12
C PRO A 847 -28.97 -23.05 5.75
N ASP A 848 -29.14 -23.69 4.60
CA ASP A 848 -30.47 -23.91 4.03
C ASP A 848 -31.27 -24.98 4.76
N SER A 865 -6.50 -40.45 -7.67
CA SER A 865 -7.33 -39.34 -8.16
C SER A 865 -7.21 -38.13 -7.24
N LEU A 866 -6.47 -38.32 -6.14
CA LEU A 866 -6.43 -37.30 -5.11
C LEU A 866 -5.58 -36.11 -5.54
N MET A 867 -4.43 -36.36 -6.18
CA MET A 867 -3.62 -35.26 -6.67
C MET A 867 -4.29 -34.53 -7.81
N ASP A 868 -5.05 -35.26 -8.63
CA ASP A 868 -5.89 -34.65 -9.65
C ASP A 868 -6.92 -33.71 -9.03
N GLN A 869 -7.52 -34.15 -7.92
CA GLN A 869 -8.51 -33.32 -7.23
C GLN A 869 -7.88 -32.07 -6.62
N ARG A 870 -6.67 -32.21 -6.06
CA ARG A 870 -5.99 -31.04 -5.49
C ARG A 870 -5.58 -30.05 -6.58
N ALA A 871 -5.11 -30.54 -7.73
CA ALA A 871 -4.73 -29.63 -8.81
C ALA A 871 -5.96 -28.98 -9.44
N ARG A 872 -7.08 -29.70 -9.47
CA ARG A 872 -8.34 -29.11 -9.93
C ARG A 872 -8.79 -28.00 -8.98
N GLN A 873 -8.59 -28.20 -7.68
CA GLN A 873 -8.95 -27.15 -6.73
C GLN A 873 -7.99 -25.96 -6.83
N LEU A 874 -6.73 -26.20 -7.15
CA LEU A 874 -5.75 -25.12 -7.19
C LEU A 874 -5.70 -24.39 -8.52
N ALA A 875 -6.40 -24.90 -9.54
CA ALA A 875 -6.37 -24.30 -10.87
C ALA A 875 -6.84 -22.85 -10.92
N ALA A 876 -7.95 -22.55 -10.24
CA ALA A 876 -8.50 -21.19 -10.29
C ALA A 876 -7.65 -20.21 -9.49
N LEU A 877 -7.01 -20.70 -8.44
CA LEU A 877 -6.15 -19.84 -7.64
C LEU A 877 -4.83 -19.57 -8.33
N ILE A 878 -4.32 -20.55 -9.08
CA ILE A 878 -3.08 -20.33 -9.83
C ILE A 878 -3.34 -19.41 -11.02
N GLY A 879 -4.29 -19.78 -11.87
CA GLY A 879 -4.62 -18.97 -13.03
C GLY A 879 -3.53 -18.99 -14.09
#